data_9BYP
#
_entry.id   9BYP
#
_cell.length_a   1.00
_cell.length_b   1.00
_cell.length_c   1.00
_cell.angle_alpha   90.00
_cell.angle_beta   90.00
_cell.angle_gamma   90.00
#
_symmetry.space_group_name_H-M   'P 1'
#
loop_
_entity.id
_entity.type
_entity.pdbx_description
1 polymer 'Major DNA-binding protein'
2 polymer "DNA(5'-D(*GP*CP*AP*GP*AP*AP*TP*CP*GP*CP*CP*C)-3'"
3 non-polymer 'ZINC ION'
4 water water
#
loop_
_entity_poly.entity_id
_entity_poly.type
_entity_poly.pdbx_seq_one_letter_code
_entity_poly.pdbx_strand_id
1 'polypeptide(L)'
;MQGAQTSEDNLGSQSQPGPCGYIYFYPLATYPLREVATLGTGYAGHRCLTVPLLCGITVEPGFSINVKALHRRPDPNCGL
LRATSYHRDIYVFHNAHMVPPIFEGPGLEALCGETREVFGYDAYSALPRESSKPGDFFPEGLDPSAYLGAVAITEAFKER
LYSGNLVAIPSLKQEVAVGQSASVRVPLYDKEVFPEGVPQLRQFYNSDLSRCMHEALYTGLAQALRVRRVGKLVELLEKQ
SLQDQAKVAKVAPLKEFPASTISHPDSGALMIVDSAACELAVSYAPAMLEASHETPASLNYDSWPLFADCEGPEARVAAL
HRYNASLAPHVSTQIFATNSVLYVSGVSKSTGQGKESLFNSFYMTHGLGTLQEGTWDPCRRPCFSGWGGPDVTGTNGPGN
YAVEHLVYAASFSPNLLARYAYYLQFCQGQKSSLTPVPETGSYVAGAAASPMCSLCEGRAPAVCLNTLFFRLRDRFPPVM
STQRRDPYVISGASGSYNETDFLGNFLNFIDKEDDGQRPDDEPRYTYWQLNQNLLERLSRLGIDAEGKLEKEPHGPRDFV
KMFKDVDAAVDAEVVQFMNSMAKNNITYKDLVKSCYHVMQYSCNPFAQPACPIFTQLFYRSLLTILQDISLPICMCYEND
NPGLGQSPPEWLKGHYQTLCTNFRSLAIDKGVLTAKEAKVVHGEPTCDLPDLDAALQGRVYGRRLPVRMSKVLMLCPRNI
KIKNRVVFTGENAALQNSFIKSTTRRENYIINGPYMKFLNTYHKTLFPDTKLSSLYLWHNFSRRRSVPVPSGASAEEYSD
LALFVDGGSRAHEESNVIDVVPGNLVTYAKQRLNNAILKACGQTQFYISLIQGLVPRTQSVPARDYPHVLGTRAVESAAA
YAEATSSLTATTVVCAATDCLSQVCKARPVVTLPVTINKYTGVNGNNQIFQAGNLGYFMGRGVDRNLLQAPGAGLRKQAG
GSSMRKKFVFATPTLGLTVKRRTQAATTYEIENIRAGLEAIISQKQEEDCVFDVVCNLVDAMGEACASLTRDDAEYLLGR
FSVLADSVLETLATIASSGIEWTAEAARDFLEGVWGGPGAAQDNFISVAEPVSTASQASAGLLLGGGGQGSGGRRKRRLA
TVLPGLEV
;
A,B
2 'polydeoxyribonucleotide' (DG)(DC)(DA)(DG)(DA)(DA)(DT)(DC)(DG)(DC)(DC)(DC) C
#
loop_
_chem_comp.id
_chem_comp.type
_chem_comp.name
_chem_comp.formula
DA DNA linking 2'-DEOXYADENOSINE-5'-MONOPHOSPHATE 'C10 H14 N5 O6 P'
DC DNA linking 2'-DEOXYCYTIDINE-5'-MONOPHOSPHATE 'C9 H14 N3 O7 P'
DG DNA linking 2'-DEOXYGUANOSINE-5'-MONOPHOSPHATE 'C10 H14 N5 O7 P'
DT DNA linking THYMIDINE-5'-MONOPHOSPHATE 'C10 H15 N2 O8 P'
ZN non-polymer 'ZINC ION' 'Zn 2'
#
# COMPACT_ATOMS: atom_id res chain seq x y z
N ASP A 9 -27.42 1.45 -21.05
CA ASP A 9 -27.84 1.98 -19.76
C ASP A 9 -26.68 1.99 -18.73
N ASN A 10 -26.78 2.79 -17.67
CA ASN A 10 -25.69 3.01 -16.71
C ASN A 10 -26.18 3.13 -15.26
N LEU A 11 -25.24 2.95 -14.30
CA LEU A 11 -25.51 2.95 -12.86
C LEU A 11 -26.08 4.28 -12.34
N GLY A 12 -25.76 5.40 -12.96
CA GLY A 12 -26.34 6.71 -12.64
C GLY A 12 -27.83 6.76 -12.90
N SER A 13 -28.24 6.44 -14.13
CA SER A 13 -29.66 6.40 -14.55
C SER A 13 -30.49 5.39 -13.76
N GLN A 14 -29.89 4.27 -13.33
CA GLN A 14 -30.56 3.25 -12.53
C GLN A 14 -30.75 3.58 -11.05
N SER A 15 -29.94 4.49 -10.47
CA SER A 15 -30.05 4.88 -9.06
C SER A 15 -31.37 5.64 -8.73
N GLN A 16 -31.85 5.56 -7.50
CA GLN A 16 -33.17 6.05 -7.06
C GLN A 16 -33.12 7.43 -6.35
N PRO A 17 -34.17 8.27 -6.43
CA PRO A 17 -34.32 9.49 -5.64
C PRO A 17 -34.12 9.25 -4.13
N GLY A 18 -33.53 10.20 -3.41
CA GLY A 18 -33.27 10.12 -1.97
C GLY A 18 -32.69 11.40 -1.37
N PRO A 19 -32.36 11.41 -0.07
CA PRO A 19 -31.80 12.56 0.64
C PRO A 19 -30.32 12.82 0.29
N CYS A 20 -29.74 13.90 0.80
CA CYS A 20 -28.32 14.24 0.64
C CYS A 20 -27.38 13.49 1.61
N GLY A 21 -27.91 12.86 2.67
CA GLY A 21 -27.19 12.09 3.68
C GLY A 21 -28.11 11.57 4.80
N TYR A 22 -27.55 10.89 5.80
CA TYR A 22 -28.27 10.34 6.96
C TYR A 22 -27.51 10.56 8.28
N ILE A 23 -28.23 10.83 9.37
CA ILE A 23 -27.74 10.65 10.73
C ILE A 23 -28.17 9.25 11.21
N TYR A 24 -27.24 8.36 11.56
CA TYR A 24 -27.52 7.07 12.21
C TYR A 24 -27.45 7.17 13.73
N PHE A 25 -28.33 6.45 14.42
CA PHE A 25 -28.35 6.32 15.88
C PHE A 25 -28.24 4.83 16.27
N TYR A 26 -27.13 4.41 16.87
CA TYR A 26 -26.89 3.02 17.29
C TYR A 26 -27.07 2.85 18.82
N PRO A 27 -27.80 1.84 19.32
CA PRO A 27 -28.03 1.66 20.76
C PRO A 27 -26.79 1.17 21.52
N LEU A 28 -26.37 1.86 22.59
CA LEU A 28 -25.13 1.56 23.31
C LEU A 28 -25.14 0.21 24.04
N ALA A 29 -26.28 -0.27 24.54
CA ALA A 29 -26.41 -1.56 25.20
C ALA A 29 -26.10 -2.80 24.33
N THR A 30 -26.12 -2.70 23.01
CA THR A 30 -25.92 -3.84 22.10
C THR A 30 -24.87 -3.63 21.00
N TYR A 31 -24.53 -2.39 20.64
CA TYR A 31 -23.59 -2.12 19.56
C TYR A 31 -22.15 -2.62 19.87
N PRO A 32 -21.45 -3.29 18.93
CA PRO A 32 -20.11 -3.87 19.16
C PRO A 32 -18.97 -2.83 19.12
N LEU A 33 -18.84 -2.02 20.16
CA LEU A 33 -17.93 -0.87 20.26
C LEU A 33 -16.45 -1.23 20.08
N ARG A 34 -15.97 -2.34 20.68
CA ARG A 34 -14.58 -2.79 20.51
C ARG A 34 -14.26 -3.17 19.07
N GLU A 35 -15.15 -3.79 18.30
CA GLU A 35 -14.88 -4.07 16.88
C GLU A 35 -14.71 -2.79 16.06
N VAL A 36 -15.63 -1.81 16.13
CA VAL A 36 -15.49 -0.59 15.34
C VAL A 36 -14.25 0.20 15.73
N ALA A 37 -13.84 0.18 17.00
CA ALA A 37 -12.60 0.83 17.41
C ALA A 37 -11.38 0.35 16.63
N THR A 38 -11.27 -0.95 16.28
CA THR A 38 -10.12 -1.49 15.53
C THR A 38 -10.08 -1.04 14.07
N LEU A 39 -11.20 -0.60 13.51
CA LEU A 39 -11.31 0.01 12.18
C LEU A 39 -11.30 1.55 12.24
N GLY A 40 -11.32 2.17 13.42
CA GLY A 40 -11.41 3.61 13.61
C GLY A 40 -10.09 4.38 13.78
N THR A 41 -10.23 5.69 13.99
CA THR A 41 -9.17 6.69 14.18
C THR A 41 -9.24 7.41 15.54
N GLY A 42 -9.67 6.72 16.59
CA GLY A 42 -9.82 7.31 17.91
C GLY A 42 -8.49 7.57 18.62
N TYR A 43 -8.34 8.75 19.21
CA TYR A 43 -7.22 9.14 20.08
C TYR A 43 -7.72 9.41 21.50
N ALA A 44 -6.89 9.32 22.52
CA ALA A 44 -7.30 9.54 23.91
C ALA A 44 -7.78 10.98 24.13
N GLY A 45 -9.02 11.14 24.61
CA GLY A 45 -9.68 12.42 24.80
C GLY A 45 -10.50 12.97 23.62
N HIS A 46 -10.66 12.21 22.52
CA HIS A 46 -11.36 12.68 21.33
C HIS A 46 -12.83 13.06 21.60
N ARG A 47 -13.35 13.97 20.78
CA ARG A 47 -14.76 14.39 20.76
C ARG A 47 -15.47 13.92 19.47
N CYS A 48 -14.72 13.53 18.45
CA CYS A 48 -15.16 12.98 17.16
C CYS A 48 -14.11 12.02 16.56
N LEU A 49 -14.51 11.05 15.72
CA LEU A 49 -13.61 10.14 14.97
C LEU A 49 -14.24 9.62 13.66
N THR A 50 -13.41 9.08 12.76
CA THR A 50 -13.85 8.42 11.51
C THR A 50 -13.82 6.90 11.58
N VAL A 51 -14.75 6.26 10.86
CA VAL A 51 -14.88 4.79 10.68
C VAL A 51 -15.27 4.49 9.22
N PRO A 52 -14.98 3.30 8.68
CA PRO A 52 -15.42 2.95 7.33
C PRO A 52 -16.94 2.72 7.23
N LEU A 53 -17.52 3.05 6.07
CA LEU A 53 -18.87 2.63 5.64
C LEU A 53 -18.84 1.14 5.24
N LEU A 54 -19.51 0.28 6.01
CA LEU A 54 -19.56 -1.18 5.84
C LEU A 54 -20.95 -1.73 6.14
N CYS A 55 -21.48 -2.57 5.25
CA CYS A 55 -22.76 -3.24 5.43
C CYS A 55 -22.66 -4.29 6.53
N GLY A 56 -23.59 -4.23 7.49
CA GLY A 56 -23.62 -5.12 8.66
C GLY A 56 -22.91 -4.58 9.90
N ILE A 57 -22.18 -3.45 9.84
CA ILE A 57 -21.61 -2.81 11.03
C ILE A 57 -21.73 -1.29 11.10
N THR A 58 -21.68 -0.51 10.03
CA THR A 58 -21.97 0.95 10.13
C THR A 58 -23.20 1.38 9.33
N VAL A 59 -23.63 0.62 8.34
CA VAL A 59 -24.92 0.76 7.63
C VAL A 59 -25.61 -0.60 7.49
N GLU A 60 -26.93 -0.59 7.32
CA GLU A 60 -27.71 -1.81 7.14
C GLU A 60 -27.37 -2.58 5.86
N PRO A 61 -27.55 -3.91 5.84
CA PRO A 61 -27.37 -4.72 4.65
C PRO A 61 -28.22 -4.22 3.49
N GLY A 62 -27.65 -4.12 2.30
CA GLY A 62 -28.34 -3.57 1.13
C GLY A 62 -28.43 -2.04 1.08
N PHE A 63 -27.63 -1.30 1.85
CA PHE A 63 -27.45 0.14 1.69
C PHE A 63 -27.00 0.46 0.25
N SER A 64 -27.61 1.46 -0.37
CA SER A 64 -27.30 1.86 -1.74
C SER A 64 -26.25 2.97 -1.76
N ILE A 65 -25.05 2.68 -2.25
CA ILE A 65 -23.98 3.67 -2.32
C ILE A 65 -24.19 4.73 -3.42
N ASN A 66 -25.02 4.49 -4.43
CA ASN A 66 -25.36 5.45 -5.50
C ASN A 66 -26.81 5.97 -5.35
N VAL A 67 -27.04 7.28 -5.48
CA VAL A 67 -28.36 7.93 -5.31
C VAL A 67 -28.57 9.11 -6.27
N LYS A 68 -29.84 9.46 -6.52
CA LYS A 68 -30.22 10.78 -7.08
C LYS A 68 -30.66 11.70 -5.93
N ALA A 69 -29.76 12.50 -5.38
CA ALA A 69 -30.06 13.36 -4.25
C ALA A 69 -31.01 14.52 -4.64
N LEU A 70 -32.11 14.73 -3.91
CA LEU A 70 -32.97 15.91 -4.03
C LEU A 70 -32.35 17.08 -3.28
N HIS A 71 -31.88 18.10 -4.00
CA HIS A 71 -31.04 19.15 -3.41
C HIS A 71 -31.58 20.58 -3.56
N ARG A 72 -32.58 20.83 -4.41
CA ARG A 72 -33.18 22.14 -4.64
C ARG A 72 -34.64 22.03 -5.04
N ARG A 73 -35.49 22.96 -4.60
CA ARG A 73 -36.85 23.19 -5.09
C ARG A 73 -36.94 24.65 -5.56
N PRO A 74 -36.89 24.94 -6.87
CA PRO A 74 -37.02 26.32 -7.38
C PRO A 74 -38.34 27.00 -6.97
N ASP A 75 -39.42 26.24 -6.95
CA ASP A 75 -40.71 26.54 -6.37
C ASP A 75 -41.26 25.26 -5.69
N PRO A 76 -42.27 25.33 -4.82
CA PRO A 76 -42.77 24.18 -4.06
C PRO A 76 -43.23 22.96 -4.87
N ASN A 77 -43.50 23.12 -6.17
CA ASN A 77 -44.04 22.12 -7.07
C ASN A 77 -43.01 21.56 -8.09
N CYS A 78 -41.70 21.79 -7.92
CA CYS A 78 -40.65 21.17 -8.75
C CYS A 78 -39.42 20.80 -7.93
N GLY A 79 -38.89 19.58 -8.08
CA GLY A 79 -37.61 19.18 -7.48
C GLY A 79 -36.49 19.06 -8.51
N LEU A 80 -35.24 19.28 -8.11
CA LEU A 80 -34.06 18.98 -8.92
C LEU A 80 -33.20 17.89 -8.29
N LEU A 81 -32.74 16.96 -9.13
CA LEU A 81 -31.96 15.79 -8.74
C LEU A 81 -30.51 15.84 -9.24
N ARG A 82 -29.55 15.51 -8.38
CA ARG A 82 -28.12 15.34 -8.69
C ARG A 82 -27.68 13.90 -8.45
N ALA A 83 -27.10 13.25 -9.44
CA ALA A 83 -26.54 11.90 -9.25
C ALA A 83 -25.17 11.94 -8.56
N THR A 84 -24.99 11.14 -7.51
CA THR A 84 -23.79 11.14 -6.67
C THR A 84 -23.63 9.78 -5.97
N SER A 85 -22.39 9.37 -5.70
CA SER A 85 -22.08 8.30 -4.75
C SER A 85 -21.91 8.83 -3.32
N TYR A 86 -21.93 7.94 -2.33
CA TYR A 86 -21.59 8.24 -0.95
C TYR A 86 -20.09 8.50 -0.75
N HIS A 87 -19.76 9.36 0.21
CA HIS A 87 -18.42 9.45 0.77
C HIS A 87 -18.11 8.19 1.58
N ARG A 88 -16.89 7.71 1.43
CA ARG A 88 -16.35 6.47 1.97
C ARG A 88 -16.25 6.36 3.52
N ASP A 89 -16.05 7.47 4.21
CA ASP A 89 -15.89 7.56 5.67
C ASP A 89 -17.15 8.05 6.38
N ILE A 90 -17.47 7.47 7.54
CA ILE A 90 -18.54 7.89 8.44
C ILE A 90 -17.95 8.63 9.65
N TYR A 91 -18.54 9.77 10.01
CA TYR A 91 -18.06 10.65 11.08
C TYR A 91 -18.92 10.46 12.35
N VAL A 92 -18.33 9.92 13.43
CA VAL A 92 -19.00 9.62 14.71
C VAL A 92 -18.84 10.80 15.68
N PHE A 93 -19.92 11.50 16.03
CA PHE A 93 -19.86 12.85 16.61
C PHE A 93 -20.65 13.07 17.93
N HIS A 94 -21.61 12.20 18.25
CA HIS A 94 -22.41 12.22 19.47
C HIS A 94 -22.12 11.00 20.33
N ASN A 95 -21.82 11.20 21.61
CA ASN A 95 -21.34 10.17 22.55
C ASN A 95 -20.07 9.43 22.06
N ALA A 96 -19.22 10.07 21.26
CA ALA A 96 -18.03 9.46 20.68
C ALA A 96 -17.01 8.97 21.72
N HIS A 97 -17.03 9.47 22.95
CA HIS A 97 -16.21 8.97 24.06
C HIS A 97 -16.46 7.47 24.37
N MET A 98 -17.60 6.90 23.95
CA MET A 98 -17.91 5.48 24.10
C MET A 98 -17.14 4.53 23.18
N VAL A 99 -16.59 4.98 22.06
CA VAL A 99 -15.73 4.17 21.18
C VAL A 99 -14.29 4.25 21.71
N PRO A 100 -13.63 3.14 22.09
CA PRO A 100 -12.21 3.14 22.50
C PRO A 100 -11.23 3.72 21.46
N PRO A 101 -10.11 4.33 21.88
CA PRO A 101 -9.07 4.79 20.96
C PRO A 101 -8.30 3.63 20.33
N ILE A 102 -7.78 3.82 19.12
CA ILE A 102 -6.90 2.87 18.43
C ILE A 102 -5.47 2.88 19.02
N PHE A 103 -5.03 4.01 19.58
CA PHE A 103 -3.71 4.26 20.11
C PHE A 103 -3.74 4.96 21.47
N GLU A 104 -2.97 4.49 22.44
CA GLU A 104 -3.07 4.96 23.83
C GLU A 104 -2.14 6.12 24.21
N GLY A 105 -1.19 6.53 23.37
CA GLY A 105 -0.26 7.62 23.72
C GLY A 105 -0.98 8.98 23.89
N PRO A 106 -0.77 9.71 25.00
CA PRO A 106 -1.47 10.97 25.30
C PRO A 106 -0.89 12.21 24.60
N GLY A 107 -1.58 13.33 24.72
CA GLY A 107 -1.11 14.67 24.34
C GLY A 107 -1.09 15.02 22.84
N LEU A 108 -1.72 14.24 21.97
CA LEU A 108 -1.63 14.43 20.52
C LEU A 108 -2.28 15.72 19.98
N GLU A 109 -3.37 16.20 20.58
CA GLU A 109 -4.08 17.37 20.06
C GLU A 109 -3.27 18.67 20.17
N ALA A 110 -2.60 18.90 21.31
CA ALA A 110 -1.68 20.02 21.49
C ALA A 110 -0.43 19.94 20.59
N LEU A 111 0.14 18.75 20.39
CA LEU A 111 1.25 18.51 19.46
C LEU A 111 0.89 18.86 18.01
N CYS A 112 -0.27 18.40 17.53
CA CYS A 112 -0.77 18.77 16.21
C CYS A 112 -1.01 20.28 16.10
N GLY A 113 -1.59 20.92 17.11
CA GLY A 113 -1.88 22.35 17.14
C GLY A 113 -0.65 23.24 17.07
N GLU A 114 0.41 22.89 17.79
CA GLU A 114 1.71 23.56 17.76
C GLU A 114 2.40 23.36 16.40
N THR A 115 2.40 22.15 15.84
CA THR A 115 3.09 21.87 14.56
C THR A 115 2.44 22.54 13.35
N ARG A 116 1.10 22.57 13.28
CA ARG A 116 0.33 23.22 12.20
C ARG A 116 0.71 24.69 12.02
N GLU A 117 0.91 25.38 13.14
CA GLU A 117 1.26 26.80 13.20
C GLU A 117 2.68 27.09 12.71
N VAL A 118 3.70 26.28 13.02
CA VAL A 118 5.07 26.51 12.51
C VAL A 118 5.20 26.27 11.00
N PHE A 119 4.38 25.41 10.40
CA PHE A 119 4.25 25.24 8.96
C PHE A 119 3.30 26.25 8.28
N GLY A 120 2.69 27.17 9.03
CA GLY A 120 1.83 28.23 8.50
C GLY A 120 0.46 27.80 7.98
N TYR A 121 -0.03 26.62 8.34
CA TYR A 121 -1.35 26.11 7.98
C TYR A 121 -2.50 26.68 8.83
N ASP A 122 -3.64 26.82 8.18
CA ASP A 122 -4.92 27.28 8.73
C ASP A 122 -5.61 26.25 9.67
N ALA A 123 -5.86 26.61 10.93
CA ALA A 123 -6.68 25.82 11.87
C ALA A 123 -8.19 25.97 11.61
N TYR A 124 -9.03 25.05 12.07
CA TYR A 124 -10.48 25.21 11.93
C TYR A 124 -10.99 26.44 12.70
N SER A 125 -11.81 27.27 12.06
CA SER A 125 -12.47 28.43 12.65
C SER A 125 -13.97 28.17 12.76
N ALA A 126 -14.50 28.19 13.99
CA ALA A 126 -15.89 27.84 14.27
C ALA A 126 -16.88 28.91 13.82
N LEU A 127 -18.09 28.49 13.42
CA LEU A 127 -19.23 29.38 13.23
C LEU A 127 -19.56 30.15 14.52
N PRO A 128 -20.15 31.35 14.44
CA PRO A 128 -20.56 32.11 15.63
C PRO A 128 -21.75 31.51 16.41
N ARG A 129 -22.51 30.57 15.85
CA ARG A 129 -23.57 29.80 16.54
C ARG A 129 -23.05 28.65 17.41
N GLU A 130 -23.85 28.20 18.36
CA GLU A 130 -23.69 26.90 19.02
C GLU A 130 -23.99 25.70 18.10
N SER A 131 -23.45 24.53 18.41
CA SER A 131 -23.86 23.23 17.84
C SER A 131 -25.34 22.93 18.06
N SER A 132 -25.99 22.22 17.14
CA SER A 132 -27.35 21.72 17.28
C SER A 132 -27.53 20.88 18.56
N LYS A 133 -28.55 21.17 19.38
CA LYS A 133 -28.90 20.38 20.56
C LYS A 133 -29.49 19.01 20.17
N PRO A 134 -29.29 17.94 20.95
CA PRO A 134 -29.86 16.62 20.66
C PRO A 134 -31.37 16.63 20.40
N GLY A 135 -32.17 17.33 21.21
CA GLY A 135 -33.61 17.43 21.01
C GLY A 135 -34.06 18.08 19.71
N ASP A 136 -33.17 18.73 18.97
CA ASP A 136 -33.43 19.30 17.65
C ASP A 136 -33.00 18.40 16.47
N PHE A 137 -32.39 17.23 16.67
CA PHE A 137 -32.12 16.27 15.59
C PHE A 137 -32.38 14.79 15.93
N PHE A 138 -32.57 14.41 17.20
CA PHE A 138 -32.97 13.06 17.59
C PHE A 138 -34.44 12.79 17.21
N PRO A 139 -34.80 11.54 16.84
CA PRO A 139 -36.20 11.13 16.76
C PRO A 139 -36.93 11.35 18.10
N GLU A 140 -38.23 11.64 18.04
CA GLU A 140 -39.05 11.79 19.25
C GLU A 140 -39.12 10.47 20.05
N GLY A 141 -38.90 10.53 21.36
CA GLY A 141 -38.92 9.37 22.26
C GLY A 141 -37.64 8.53 22.33
N LEU A 142 -36.56 8.86 21.63
CA LEU A 142 -35.23 8.30 21.93
C LEU A 142 -34.54 9.13 23.01
N ASP A 143 -34.00 8.48 24.04
CA ASP A 143 -33.14 9.09 25.06
C ASP A 143 -31.74 9.39 24.49
N PRO A 144 -31.31 10.67 24.36
CA PRO A 144 -30.03 11.00 23.75
C PRO A 144 -28.82 10.44 24.47
N SER A 145 -28.92 10.05 25.74
CA SER A 145 -27.82 9.40 26.46
C SER A 145 -27.68 7.89 26.18
N ALA A 146 -28.65 7.23 25.55
CA ALA A 146 -28.63 5.79 25.28
C ALA A 146 -28.02 5.39 23.92
N TYR A 147 -27.64 6.33 23.07
CA TYR A 147 -27.28 6.11 21.66
C TYR A 147 -25.95 6.74 21.26
N LEU A 148 -25.27 6.15 20.28
CA LEU A 148 -24.11 6.71 19.58
C LEU A 148 -24.59 7.34 18.26
N GLY A 149 -24.21 8.59 17.96
CA GLY A 149 -24.61 9.30 16.74
C GLY A 149 -23.49 9.49 15.72
N ALA A 150 -23.78 9.24 14.44
CA ALA A 150 -22.82 9.34 13.33
C ALA A 150 -23.48 9.78 12.01
N VAL A 151 -22.74 10.45 11.12
CA VAL A 151 -23.23 10.94 9.80
C VAL A 151 -22.64 10.14 8.63
N ALA A 152 -23.49 9.68 7.71
CA ALA A 152 -23.13 9.23 6.36
C ALA A 152 -23.54 10.28 5.32
N ILE A 153 -22.64 10.67 4.42
CA ILE A 153 -22.79 11.88 3.58
C ILE A 153 -22.47 11.60 2.11
N THR A 154 -23.22 12.18 1.17
CA THR A 154 -22.92 12.05 -0.26
C THR A 154 -21.69 12.86 -0.67
N GLU A 155 -20.89 12.35 -1.59
CA GLU A 155 -19.65 12.97 -2.05
C GLU A 155 -19.86 14.38 -2.65
N ALA A 156 -21.00 14.64 -3.29
CA ALA A 156 -21.33 15.94 -3.83
C ALA A 156 -21.74 17.01 -2.79
N PHE A 157 -22.21 16.64 -1.59
CA PHE A 157 -22.77 17.55 -0.59
C PHE A 157 -21.97 17.61 0.73
N LYS A 158 -20.81 16.97 0.83
CA LYS A 158 -20.00 16.97 2.06
C LYS A 158 -19.45 18.34 2.48
N GLU A 159 -19.22 19.29 1.56
CA GLU A 159 -18.87 20.66 1.96
C GLU A 159 -20.07 21.39 2.59
N ARG A 160 -21.31 21.10 2.15
CA ARG A 160 -22.53 21.65 2.78
C ARG A 160 -22.75 21.15 4.21
N LEU A 161 -22.38 19.90 4.50
CA LEU A 161 -22.31 19.39 5.88
C LEU A 161 -21.32 20.19 6.73
N TYR A 162 -20.09 20.37 6.25
CA TYR A 162 -19.02 21.12 6.93
C TYR A 162 -19.42 22.56 7.30
N SER A 163 -20.09 23.27 6.40
CA SER A 163 -20.46 24.70 6.54
C SER A 163 -21.83 24.93 7.21
N GLY A 164 -22.48 23.88 7.72
CA GLY A 164 -23.73 23.98 8.46
C GLY A 164 -24.96 24.31 7.61
N ASN A 165 -24.98 23.95 6.32
CA ASN A 165 -26.08 24.27 5.39
C ASN A 165 -27.10 23.13 5.15
N LEU A 166 -27.00 21.97 5.81
CA LEU A 166 -28.01 20.90 5.73
C LEU A 166 -29.11 21.06 6.80
N VAL A 167 -30.26 20.41 6.59
CA VAL A 167 -31.42 20.38 7.48
C VAL A 167 -31.77 18.91 7.81
N ALA A 168 -31.86 18.57 9.09
CA ALA A 168 -32.32 17.25 9.56
C ALA A 168 -33.84 17.24 9.79
N ILE A 169 -34.55 16.20 9.35
CA ILE A 169 -36.02 16.09 9.47
C ILE A 169 -36.41 14.85 10.29
N PRO A 170 -36.42 14.93 11.64
CA PRO A 170 -36.71 13.79 12.52
C PRO A 170 -38.06 13.08 12.32
N SER A 171 -39.11 13.74 11.84
CA SER A 171 -40.40 13.11 11.54
C SER A 171 -40.29 12.01 10.47
N LEU A 172 -39.24 12.02 9.65
CA LEU A 172 -38.96 11.05 8.59
C LEU A 172 -38.04 9.90 9.02
N LYS A 173 -37.95 9.62 10.33
CA LYS A 173 -37.18 8.49 10.90
C LYS A 173 -37.52 7.14 10.25
N GLN A 174 -36.56 6.24 10.13
CA GLN A 174 -36.73 4.86 9.67
C GLN A 174 -35.99 3.88 10.61
N GLU A 175 -36.63 2.81 11.05
CA GLU A 175 -36.00 1.71 11.81
C GLU A 175 -35.17 0.82 10.88
N VAL A 176 -33.92 0.55 11.21
CA VAL A 176 -33.01 -0.30 10.41
C VAL A 176 -32.24 -1.25 11.31
N ALA A 177 -32.01 -2.48 10.86
CA ALA A 177 -31.18 -3.45 11.57
C ALA A 177 -29.70 -3.35 11.13
N VAL A 178 -28.79 -2.98 12.03
CA VAL A 178 -27.36 -2.89 11.75
C VAL A 178 -26.64 -4.03 12.48
N GLY A 179 -26.39 -5.13 11.78
CA GLY A 179 -25.96 -6.36 12.44
C GLY A 179 -27.06 -6.88 13.37
N GLN A 180 -26.78 -7.04 14.66
CA GLN A 180 -27.77 -7.41 15.67
C GLN A 180 -28.34 -6.19 16.45
N SER A 181 -28.10 -4.94 16.03
CA SER A 181 -28.59 -3.75 16.72
C SER A 181 -29.79 -3.11 16.05
N ALA A 182 -30.88 -2.91 16.80
CA ALA A 182 -32.05 -2.15 16.38
C ALA A 182 -31.76 -0.63 16.35
N SER A 183 -31.36 -0.12 15.19
CA SER A 183 -30.93 1.26 14.97
C SER A 183 -32.04 2.10 14.32
N VAL A 184 -31.87 3.41 14.29
CA VAL A 184 -32.75 4.37 13.60
C VAL A 184 -31.90 5.26 12.69
N ARG A 185 -32.41 5.73 11.55
CA ARG A 185 -31.76 6.78 10.75
C ARG A 185 -32.69 7.95 10.47
N VAL A 186 -32.15 9.16 10.36
CA VAL A 186 -32.89 10.41 10.04
C VAL A 186 -32.29 11.05 8.78
N PRO A 187 -33.07 11.45 7.78
CA PRO A 187 -32.53 12.03 6.55
C PRO A 187 -32.04 13.49 6.70
N LEU A 188 -31.00 13.85 5.94
CA LEU A 188 -30.46 15.20 5.75
C LEU A 188 -30.78 15.74 4.35
N TYR A 189 -31.29 16.96 4.24
CA TYR A 189 -31.55 17.65 2.97
C TYR A 189 -30.81 19.01 2.92
N ASP A 190 -30.36 19.45 1.76
CA ASP A 190 -29.80 20.81 1.58
C ASP A 190 -30.84 21.90 1.86
N LYS A 191 -30.49 23.01 2.50
CA LYS A 191 -31.44 24.10 2.81
C LYS A 191 -32.14 24.70 1.58
N GLU A 192 -31.59 24.53 0.38
CA GLU A 192 -32.22 24.88 -0.89
C GLU A 192 -33.47 24.03 -1.25
N VAL A 193 -33.83 22.99 -0.50
CA VAL A 193 -35.15 22.33 -0.65
C VAL A 193 -36.29 23.15 -0.03
N PHE A 194 -36.00 24.25 0.65
CA PHE A 194 -36.99 25.10 1.32
C PHE A 194 -36.92 26.53 0.76
N PRO A 195 -37.60 26.83 -0.36
CA PRO A 195 -37.50 28.14 -1.01
C PRO A 195 -37.96 29.35 -0.18
N GLU A 196 -38.86 29.20 0.80
CA GLU A 196 -39.25 30.27 1.73
C GLU A 196 -38.24 30.43 2.89
N GLY A 197 -37.26 29.54 3.00
CA GLY A 197 -36.26 29.52 4.06
C GLY A 197 -36.73 28.90 5.35
N VAL A 198 -35.78 28.41 6.14
CA VAL A 198 -35.96 27.89 7.49
C VAL A 198 -35.20 28.81 8.46
N PRO A 199 -35.60 28.97 9.73
CA PRO A 199 -34.85 29.78 10.69
C PRO A 199 -33.37 29.35 10.76
N GLN A 200 -32.41 30.26 10.87
CA GLN A 200 -30.98 29.90 10.78
C GLN A 200 -30.55 28.82 11.79
N LEU A 201 -31.06 28.80 13.03
CA LEU A 201 -30.72 27.77 14.03
C LEU A 201 -31.38 26.39 13.77
N ARG A 202 -32.35 26.31 12.87
CA ARG A 202 -32.99 25.06 12.45
C ARG A 202 -32.10 24.18 11.56
N GLN A 203 -31.10 24.75 10.90
CA GLN A 203 -30.07 24.03 10.16
C GLN A 203 -29.21 23.16 11.09
N PHE A 204 -28.66 22.06 10.59
CA PHE A 204 -27.83 21.13 11.35
C PHE A 204 -26.35 21.57 11.37
N TYR A 205 -25.75 21.71 12.55
CA TYR A 205 -24.34 22.02 12.72
C TYR A 205 -23.74 21.33 13.94
N ASN A 206 -22.50 20.84 13.83
CA ASN A 206 -21.72 20.35 14.96
C ASN A 206 -20.25 20.77 14.82
N SER A 207 -19.77 21.59 15.75
CA SER A 207 -18.40 22.13 15.69
C SER A 207 -17.33 21.04 15.75
N ASP A 208 -17.51 19.97 16.52
CA ASP A 208 -16.55 18.86 16.57
C ASP A 208 -16.49 18.09 15.24
N LEU A 209 -17.64 17.80 14.60
CA LEU A 209 -17.67 17.16 13.29
C LEU A 209 -16.93 18.00 12.24
N SER A 210 -17.24 19.29 12.12
CA SER A 210 -16.60 20.16 11.12
C SER A 210 -15.08 20.25 11.31
N ARG A 211 -14.61 20.37 12.56
CA ARG A 211 -13.20 20.37 12.90
C ARG A 211 -12.51 19.05 12.52
N CYS A 212 -13.13 17.91 12.77
CA CYS A 212 -12.60 16.62 12.36
C CYS A 212 -12.46 16.53 10.81
N MET A 213 -13.46 16.94 10.04
CA MET A 213 -13.35 17.05 8.57
C MET A 213 -12.21 17.99 8.13
N HIS A 214 -12.04 19.15 8.76
CA HIS A 214 -10.97 20.10 8.46
C HIS A 214 -9.57 19.46 8.57
N GLU A 215 -9.33 18.71 9.63
CA GLU A 215 -8.06 18.07 9.93
C GLU A 215 -7.86 16.77 9.14
N ALA A 216 -8.83 15.84 9.16
CA ALA A 216 -8.67 14.50 8.61
C ALA A 216 -9.02 14.38 7.12
N LEU A 217 -9.81 15.27 6.52
CA LEU A 217 -10.10 15.25 5.09
C LEU A 217 -9.37 16.36 4.32
N TYR A 218 -9.71 17.63 4.57
CA TYR A 218 -9.35 18.73 3.67
C TYR A 218 -7.89 19.19 3.76
N THR A 219 -7.23 19.06 4.92
CA THR A 219 -5.83 19.47 5.08
C THR A 219 -4.90 18.66 4.18
N GLY A 220 -5.11 17.35 4.03
CA GLY A 220 -4.36 16.49 3.12
C GLY A 220 -4.57 16.80 1.64
N LEU A 221 -5.78 17.18 1.22
CA LEU A 221 -6.05 17.67 -0.15
C LEU A 221 -5.32 19.00 -0.42
N ALA A 222 -5.31 19.91 0.54
CA ALA A 222 -4.52 21.13 0.47
C ALA A 222 -3.01 20.88 0.36
N GLN A 223 -2.44 19.97 1.18
CA GLN A 223 -1.03 19.55 1.11
C GLN A 223 -0.68 18.95 -0.26
N ALA A 224 -1.58 18.21 -0.91
CA ALA A 224 -1.39 17.65 -2.25
C ALA A 224 -1.39 18.68 -3.41
N LEU A 225 -1.88 19.89 -3.17
CA LEU A 225 -1.86 21.04 -4.09
C LEU A 225 -0.81 22.11 -3.71
N ARG A 226 -0.04 21.91 -2.64
CA ARG A 226 0.84 22.91 -2.00
C ARG A 226 0.10 24.22 -1.67
N VAL A 227 -1.09 24.13 -1.09
CA VAL A 227 -1.92 25.23 -0.58
C VAL A 227 -1.94 25.17 0.95
N ARG A 228 -1.88 26.32 1.64
CA ARG A 228 -1.93 26.45 3.12
C ARG A 228 -3.25 26.96 3.69
N ARG A 229 -4.01 27.71 2.91
CA ARG A 229 -5.32 28.28 3.26
C ARG A 229 -6.45 27.26 3.10
N VAL A 230 -6.49 26.26 4.00
CA VAL A 230 -7.43 25.12 3.96
C VAL A 230 -8.89 25.57 3.93
N GLY A 231 -9.29 26.55 4.75
CA GLY A 231 -10.66 27.06 4.75
C GLY A 231 -11.11 27.64 3.42
N LYS A 232 -10.24 28.41 2.73
CA LYS A 232 -10.52 28.95 1.38
C LYS A 232 -10.63 27.85 0.31
N LEU A 233 -9.84 26.78 0.40
CA LEU A 233 -10.02 25.60 -0.45
C LEU A 233 -11.42 24.96 -0.28
N VAL A 234 -11.92 24.83 0.95
CA VAL A 234 -13.26 24.27 1.19
C VAL A 234 -14.38 25.13 0.57
N GLU A 235 -14.32 26.46 0.71
CA GLU A 235 -15.30 27.36 0.09
C GLU A 235 -15.33 27.23 -1.44
N LEU A 236 -14.17 27.14 -2.10
CA LEU A 236 -14.14 27.00 -3.55
C LEU A 236 -14.57 25.61 -4.04
N LEU A 237 -14.35 24.53 -3.28
CA LEU A 237 -14.93 23.22 -3.57
C LEU A 237 -16.46 23.20 -3.43
N GLU A 238 -17.03 23.85 -2.42
CA GLU A 238 -18.49 23.97 -2.26
C GLU A 238 -19.13 24.67 -3.47
N LYS A 239 -18.61 25.84 -3.85
CA LYS A 239 -19.07 26.62 -4.99
C LYS A 239 -18.90 25.90 -6.33
N GLN A 240 -17.87 25.09 -6.50
CA GLN A 240 -17.72 24.22 -7.67
C GLN A 240 -18.83 23.16 -7.76
N SER A 241 -19.24 22.55 -6.64
CA SER A 241 -20.28 21.53 -6.63
C SER A 241 -21.67 22.10 -6.90
N LEU A 242 -22.03 23.22 -6.29
CA LEU A 242 -23.38 23.78 -6.34
C LEU A 242 -23.67 24.70 -7.52
N GLN A 243 -22.67 25.36 -8.10
CA GLN A 243 -22.85 26.39 -9.13
C GLN A 243 -22.22 26.04 -10.48
N ASP A 244 -21.85 24.78 -10.69
CA ASP A 244 -21.30 24.22 -11.93
C ASP A 244 -20.03 24.95 -12.47
N GLN A 245 -19.04 25.21 -11.61
CA GLN A 245 -17.86 26.05 -11.91
C GLN A 245 -16.63 25.28 -12.44
N ALA A 246 -16.77 24.06 -12.94
CA ALA A 246 -15.63 23.22 -13.31
C ALA A 246 -14.68 23.87 -14.35
N LYS A 247 -15.19 24.70 -15.27
CA LYS A 247 -14.40 25.40 -16.31
C LYS A 247 -13.95 26.82 -15.94
N VAL A 248 -14.09 27.24 -14.68
CA VAL A 248 -13.64 28.55 -14.20
C VAL A 248 -12.37 28.35 -13.35
N ALA A 249 -11.32 29.14 -13.58
CA ALA A 249 -10.11 29.04 -12.77
C ALA A 249 -10.38 29.54 -11.34
N LYS A 250 -9.85 28.84 -10.33
CA LYS A 250 -10.19 29.08 -8.93
C LYS A 250 -9.06 28.88 -7.91
N VAL A 251 -8.13 27.93 -8.06
CA VAL A 251 -7.04 27.71 -7.08
C VAL A 251 -5.82 28.60 -7.23
N ALA A 252 -5.55 29.18 -8.40
CA ALA A 252 -4.31 29.92 -8.65
C ALA A 252 -3.96 31.03 -7.63
N PRO A 253 -4.88 31.87 -7.13
CA PRO A 253 -4.55 32.89 -6.14
C PRO A 253 -4.07 32.33 -4.80
N LEU A 254 -4.36 31.07 -4.47
CA LEU A 254 -3.93 30.40 -3.25
C LEU A 254 -2.54 29.74 -3.36
N LYS A 255 -1.89 29.74 -4.53
CA LYS A 255 -0.58 29.09 -4.75
C LYS A 255 0.59 29.86 -4.13
N GLU A 256 1.65 29.14 -3.81
CA GLU A 256 2.91 29.64 -3.24
C GLU A 256 4.12 28.90 -3.84
N PHE A 257 5.26 29.57 -3.98
CA PHE A 257 6.42 29.06 -4.72
C PHE A 257 7.74 29.25 -3.95
N PRO A 258 8.66 28.27 -3.93
CA PRO A 258 9.97 28.41 -3.29
C PRO A 258 10.97 29.21 -4.14
N ALA A 259 12.09 29.63 -3.57
CA ALA A 259 13.12 30.42 -4.25
C ALA A 259 13.72 29.71 -5.48
N SER A 260 13.83 28.38 -5.48
CA SER A 260 14.28 27.65 -6.66
C SER A 260 13.33 27.82 -7.86
N THR A 261 12.04 28.05 -7.65
CA THR A 261 11.08 28.43 -8.69
C THR A 261 11.22 29.88 -9.09
N ILE A 262 11.24 30.80 -8.13
CA ILE A 262 11.29 32.25 -8.35
C ILE A 262 12.57 32.69 -9.08
N SER A 263 13.70 32.05 -8.82
CA SER A 263 15.00 32.36 -9.46
C SER A 263 15.29 31.55 -10.74
N HIS A 264 14.49 30.55 -11.08
CA HIS A 264 14.71 29.72 -12.26
C HIS A 264 14.78 30.61 -13.53
N PRO A 265 15.66 30.33 -14.51
CA PRO A 265 15.71 31.16 -15.73
C PRO A 265 14.40 31.17 -16.52
N ASP A 266 13.57 30.12 -16.41
CA ASP A 266 12.23 30.01 -17.01
C ASP A 266 11.09 30.25 -15.98
N SER A 267 11.31 31.09 -14.96
CA SER A 267 10.40 31.25 -13.80
C SER A 267 8.95 31.52 -14.19
N GLY A 268 8.68 32.45 -15.11
CA GLY A 268 7.35 32.77 -15.61
C GLY A 268 6.58 31.59 -16.18
N ALA A 269 7.19 30.79 -17.05
CA ALA A 269 6.54 29.62 -17.60
C ALA A 269 6.29 28.56 -16.52
N LEU A 270 7.26 28.35 -15.62
CA LEU A 270 7.17 27.37 -14.55
C LEU A 270 6.06 27.69 -13.53
N MET A 271 5.82 28.96 -13.22
CA MET A 271 4.71 29.38 -12.35
C MET A 271 3.33 29.15 -13.00
N ILE A 272 3.19 29.40 -14.31
CA ILE A 272 1.98 29.08 -15.08
C ILE A 272 1.70 27.57 -15.14
N VAL A 273 2.68 26.74 -15.50
CA VAL A 273 2.49 25.27 -15.61
C VAL A 273 2.09 24.63 -14.29
N ASP A 274 2.80 24.90 -13.18
CA ASP A 274 2.45 24.40 -11.84
C ASP A 274 1.04 24.86 -11.40
N SER A 275 0.66 26.10 -11.70
CA SER A 275 -0.69 26.61 -11.40
C SER A 275 -1.78 25.90 -12.19
N ALA A 276 -1.63 25.78 -13.51
CA ALA A 276 -2.60 25.13 -14.39
C ALA A 276 -2.77 23.64 -14.05
N ALA A 277 -1.70 22.91 -13.75
CA ALA A 277 -1.79 21.51 -13.33
C ALA A 277 -2.64 21.31 -12.05
N CYS A 278 -2.48 22.19 -11.06
CA CYS A 278 -3.31 22.19 -9.85
C CYS A 278 -4.78 22.58 -10.12
N GLU A 279 -5.07 23.52 -11.03
CA GLU A 279 -6.44 23.81 -11.46
C GLU A 279 -7.11 22.61 -12.14
N LEU A 280 -6.43 21.89 -13.04
CA LEU A 280 -6.99 20.73 -13.74
C LEU A 280 -7.29 19.59 -12.76
N ALA A 281 -6.42 19.32 -11.79
CA ALA A 281 -6.70 18.36 -10.73
C ALA A 281 -7.94 18.72 -9.91
N VAL A 282 -8.13 20.00 -9.54
CA VAL A 282 -9.33 20.46 -8.82
C VAL A 282 -10.61 20.39 -9.66
N SER A 283 -10.57 20.66 -10.96
CA SER A 283 -11.72 20.45 -11.85
C SER A 283 -12.12 18.98 -12.00
N TYR A 284 -11.16 18.07 -12.22
CA TYR A 284 -11.48 16.69 -12.61
C TYR A 284 -11.53 15.66 -11.47
N ALA A 285 -10.74 15.77 -10.39
CA ALA A 285 -10.77 14.75 -9.33
C ALA A 285 -12.13 14.66 -8.61
N PRO A 286 -12.77 15.74 -8.13
CA PRO A 286 -14.08 15.65 -7.51
C PRO A 286 -15.15 15.02 -8.42
N ALA A 287 -15.13 15.34 -9.71
CA ALA A 287 -16.07 14.78 -10.68
C ALA A 287 -15.94 13.26 -10.80
N MET A 288 -14.72 12.71 -10.78
CA MET A 288 -14.49 11.27 -10.81
C MET A 288 -14.82 10.59 -9.47
N LEU A 289 -14.59 11.24 -8.33
CA LEU A 289 -14.96 10.70 -7.02
C LEU A 289 -16.48 10.68 -6.78
N GLU A 290 -17.21 11.68 -7.27
CA GLU A 290 -18.68 11.74 -7.22
C GLU A 290 -19.41 10.75 -8.13
N ALA A 291 -18.76 10.20 -9.16
CA ALA A 291 -19.38 9.31 -10.13
C ALA A 291 -20.05 8.09 -9.49
N SER A 292 -20.99 7.46 -10.19
CA SER A 292 -21.58 6.19 -9.73
C SER A 292 -20.55 5.06 -9.85
N HIS A 293 -20.37 4.26 -8.79
CA HIS A 293 -19.37 3.19 -8.71
C HIS A 293 -20.03 1.81 -8.55
N GLU A 294 -19.40 0.72 -9.01
CA GLU A 294 -19.79 -0.65 -8.68
C GLU A 294 -19.67 -0.93 -7.17
N THR A 295 -20.54 -1.76 -6.60
CA THR A 295 -20.53 -2.17 -5.19
C THR A 295 -19.70 -3.44 -5.01
N PRO A 296 -18.48 -3.40 -4.45
CA PRO A 296 -17.66 -4.61 -4.31
C PRO A 296 -18.22 -5.58 -3.26
N ALA A 297 -17.92 -6.87 -3.41
CA ALA A 297 -18.28 -7.90 -2.43
C ALA A 297 -17.61 -7.70 -1.05
N SER A 298 -16.44 -7.05 -0.99
CA SER A 298 -15.72 -6.74 0.25
C SER A 298 -16.42 -5.72 1.16
N LEU A 299 -17.46 -5.02 0.68
CA LEU A 299 -18.24 -4.06 1.45
C LEU A 299 -19.20 -4.72 2.47
N ASN A 300 -19.47 -6.03 2.31
CA ASN A 300 -20.37 -6.79 3.18
C ASN A 300 -19.59 -7.50 4.31
N TYR A 301 -19.45 -6.83 5.44
CA TYR A 301 -18.70 -7.23 6.63
C TYR A 301 -19.19 -8.52 7.28
N ASP A 302 -20.50 -8.78 7.26
CA ASP A 302 -21.06 -10.00 7.82
C ASP A 302 -20.80 -11.26 6.95
N SER A 303 -20.21 -11.12 5.76
CA SER A 303 -19.71 -12.24 4.96
C SER A 303 -18.18 -12.34 4.84
N TRP A 304 -17.38 -11.54 5.56
CA TRP A 304 -15.91 -11.62 5.49
C TRP A 304 -15.40 -13.00 5.98
N PRO A 305 -14.69 -13.78 5.16
CA PRO A 305 -14.11 -15.06 5.58
C PRO A 305 -13.18 -15.06 6.80
N LEU A 306 -12.52 -13.94 7.13
CA LEU A 306 -11.55 -13.91 8.25
C LEU A 306 -12.16 -14.24 9.63
N PHE A 307 -13.48 -14.16 9.77
CA PHE A 307 -14.24 -14.52 10.98
C PHE A 307 -14.61 -16.00 11.11
N ALA A 308 -14.34 -16.86 10.12
CA ALA A 308 -14.95 -18.18 10.00
C ALA A 308 -14.82 -19.08 11.26
N ASP A 309 -13.67 -19.10 11.93
CA ASP A 309 -13.42 -19.91 13.12
C ASP A 309 -13.70 -19.21 14.48
N CYS A 310 -14.11 -17.94 14.50
CA CYS A 310 -14.25 -17.16 15.74
C CYS A 310 -15.45 -17.58 16.58
N GLU A 311 -15.25 -17.79 17.89
CA GLU A 311 -16.32 -17.92 18.87
C GLU A 311 -16.29 -16.76 19.88
N GLY A 312 -17.33 -15.93 19.91
CA GLY A 312 -17.48 -14.84 20.88
C GLY A 312 -16.69 -13.55 20.55
N PRO A 313 -16.88 -12.49 21.35
CA PRO A 313 -16.34 -11.16 21.05
C PRO A 313 -14.82 -11.09 21.04
N GLU A 314 -14.13 -11.70 22.01
CA GLU A 314 -12.66 -11.60 22.12
C GLU A 314 -11.96 -12.20 20.92
N ALA A 315 -12.43 -13.35 20.44
CA ALA A 315 -11.92 -14.02 19.25
C ALA A 315 -12.07 -13.15 17.98
N ARG A 316 -13.20 -12.46 17.78
CA ARG A 316 -13.42 -11.55 16.65
C ARG A 316 -12.49 -10.33 16.66
N VAL A 317 -12.29 -9.70 17.82
CA VAL A 317 -11.34 -8.59 17.98
C VAL A 317 -9.90 -9.02 17.70
N ALA A 318 -9.48 -10.20 18.14
CA ALA A 318 -8.16 -10.74 17.81
C ALA A 318 -7.96 -10.98 16.31
N ALA A 319 -8.99 -11.48 15.60
CA ALA A 319 -8.95 -11.65 14.15
C ALA A 319 -8.79 -10.31 13.41
N LEU A 320 -9.46 -9.24 13.86
CA LEU A 320 -9.31 -7.90 13.32
C LEU A 320 -7.91 -7.31 13.53
N HIS A 321 -7.28 -7.54 14.68
CA HIS A 321 -5.87 -7.12 14.86
C HIS A 321 -4.91 -7.86 13.92
N ARG A 322 -5.06 -9.17 13.67
CA ARG A 322 -4.25 -9.90 12.67
C ARG A 322 -4.49 -9.42 11.23
N TYR A 323 -5.72 -9.06 10.89
CA TYR A 323 -6.03 -8.43 9.61
C TYR A 323 -5.29 -7.10 9.44
N ASN A 324 -5.39 -6.18 10.41
CA ASN A 324 -4.65 -4.93 10.41
C ASN A 324 -3.13 -5.13 10.28
N ALA A 325 -2.53 -6.08 11.00
CA ALA A 325 -1.10 -6.35 10.90
C ALA A 325 -0.65 -6.72 9.48
N SER A 326 -1.48 -7.40 8.68
CA SER A 326 -1.17 -7.70 7.27
C SER A 326 -1.26 -6.49 6.33
N LEU A 327 -1.94 -5.40 6.71
CA LEU A 327 -1.95 -4.14 5.98
C LEU A 327 -0.80 -3.20 6.36
N ALA A 328 -0.19 -3.35 7.54
CA ALA A 328 0.80 -2.43 8.07
C ALA A 328 2.01 -2.13 7.14
N PRO A 329 2.59 -3.06 6.35
CA PRO A 329 3.70 -2.75 5.44
C PRO A 329 3.38 -1.69 4.37
N HIS A 330 2.14 -1.62 3.86
CA HIS A 330 1.69 -0.56 2.96
C HIS A 330 1.79 0.83 3.62
N VAL A 331 1.32 0.95 4.85
CA VAL A 331 1.34 2.20 5.62
C VAL A 331 2.75 2.59 6.08
N SER A 332 3.57 1.67 6.57
CA SER A 332 4.96 1.97 6.94
C SER A 332 5.81 2.38 5.75
N THR A 333 5.61 1.80 4.57
CA THR A 333 6.30 2.19 3.34
C THR A 333 6.02 3.64 2.97
N GLN A 334 4.77 4.10 3.09
CA GLN A 334 4.43 5.52 2.89
C GLN A 334 4.98 6.47 3.98
N ILE A 335 5.50 6.00 5.11
CA ILE A 335 6.23 6.83 6.07
C ILE A 335 7.75 6.77 5.84
N PHE A 336 8.32 5.59 5.66
CA PHE A 336 9.77 5.40 5.54
C PHE A 336 10.37 5.69 4.16
N ALA A 337 9.61 5.59 3.06
CA ALA A 337 10.14 5.86 1.73
C ALA A 337 10.42 7.36 1.52
N THR A 338 11.61 7.72 1.03
CA THR A 338 11.97 9.12 0.77
C THR A 338 11.05 9.74 -0.29
N ASN A 339 10.66 8.95 -1.29
CA ASN A 339 9.77 9.31 -2.38
C ASN A 339 8.28 8.93 -2.17
N SER A 340 7.83 8.86 -0.93
CA SER A 340 6.41 8.70 -0.58
C SER A 340 5.54 9.80 -1.23
N VAL A 341 4.32 9.47 -1.65
CA VAL A 341 3.33 10.48 -2.10
C VAL A 341 3.08 11.56 -1.05
N LEU A 342 3.26 11.27 0.25
CA LEU A 342 3.10 12.22 1.36
C LEU A 342 4.18 13.33 1.41
N TYR A 343 5.29 13.19 0.67
CA TYR A 343 6.42 14.12 0.68
C TYR A 343 6.63 14.87 -0.65
N VAL A 344 5.69 14.82 -1.58
CA VAL A 344 5.72 15.57 -2.86
C VAL A 344 5.70 17.09 -2.60
N SER A 345 6.66 17.81 -3.17
CA SER A 345 7.01 19.20 -2.82
C SER A 345 6.70 20.24 -3.88
N GLY A 346 6.34 19.86 -5.11
CA GLY A 346 6.15 20.82 -6.18
C GLY A 346 6.50 20.28 -7.56
N VAL A 347 6.71 21.23 -8.48
CA VAL A 347 7.00 21.01 -9.89
C VAL A 347 8.28 21.76 -10.25
N SER A 348 9.14 21.15 -11.06
CA SER A 348 10.41 21.72 -11.51
C SER A 348 10.69 21.45 -12.99
N LYS A 349 11.62 22.21 -13.59
CA LYS A 349 12.01 22.13 -14.99
C LYS A 349 13.47 21.75 -15.15
N SER A 350 13.74 20.75 -15.99
CA SER A 350 15.07 20.37 -16.47
C SER A 350 15.76 21.56 -17.12
N THR A 351 16.85 22.04 -16.54
CA THR A 351 17.38 23.41 -16.73
C THR A 351 18.25 23.61 -17.99
N GLY A 352 17.90 22.95 -19.09
CA GLY A 352 18.63 22.94 -20.38
C GLY A 352 19.90 22.09 -20.35
N GLN A 353 20.74 22.27 -19.33
CA GLN A 353 21.92 21.47 -19.03
C GLN A 353 21.56 20.15 -18.31
N GLY A 354 20.53 19.46 -18.80
CA GLY A 354 19.93 18.26 -18.20
C GLY A 354 19.49 17.21 -19.22
N LYS A 355 19.25 15.99 -18.76
CA LYS A 355 19.07 14.79 -19.61
C LYS A 355 17.68 14.66 -20.24
N GLU A 356 16.62 15.22 -19.64
CA GLU A 356 15.24 14.95 -20.06
C GLU A 356 14.91 15.40 -21.49
N SER A 357 14.10 14.60 -22.20
CA SER A 357 13.48 15.01 -23.47
C SER A 357 12.39 16.07 -23.27
N LEU A 358 11.97 16.76 -24.33
CA LEU A 358 11.06 17.91 -24.23
C LEU A 358 9.75 17.60 -23.48
N PHE A 359 9.04 16.51 -23.76
CA PHE A 359 7.80 16.18 -23.05
C PHE A 359 8.01 15.72 -21.60
N ASN A 360 9.20 15.26 -21.23
CA ASN A 360 9.59 14.93 -19.86
C ASN A 360 10.21 16.11 -19.09
N SER A 361 10.45 17.27 -19.72
CA SER A 361 11.23 18.37 -19.14
C SER A 361 10.62 19.06 -17.91
N PHE A 362 9.30 19.07 -17.74
CA PHE A 362 8.63 19.43 -16.48
C PHE A 362 8.27 18.16 -15.69
N TYR A 363 8.54 18.12 -14.40
CA TYR A 363 8.35 16.92 -13.58
C TYR A 363 8.01 17.25 -12.12
N MET A 364 7.40 16.29 -11.42
CA MET A 364 7.08 16.36 -9.99
C MET A 364 8.34 16.12 -9.13
N THR A 365 8.53 16.90 -8.05
CA THR A 365 9.63 16.78 -7.07
C THR A 365 9.17 16.36 -5.67
N HIS A 366 10.06 15.77 -4.87
CA HIS A 366 9.85 15.40 -3.46
C HIS A 366 10.92 16.06 -2.57
N GLY A 367 10.60 16.38 -1.33
CA GLY A 367 11.59 16.85 -0.37
C GLY A 367 11.03 17.51 0.88
N LEU A 368 11.26 16.93 2.06
CA LEU A 368 10.84 17.54 3.34
C LEU A 368 11.60 18.83 3.65
N GLY A 369 12.86 18.95 3.25
CA GLY A 369 13.65 20.17 3.41
C GLY A 369 13.05 21.33 2.62
N THR A 370 12.63 21.09 1.38
CA THR A 370 11.90 22.08 0.56
C THR A 370 10.55 22.45 1.18
N LEU A 371 9.83 21.50 1.77
CA LEU A 371 8.54 21.75 2.43
C LEU A 371 8.65 22.65 3.67
N GLN A 372 9.81 22.79 4.31
CA GLN A 372 10.05 23.79 5.37
C GLN A 372 10.39 25.21 4.88
N GLU A 373 10.80 25.41 3.62
CA GLU A 373 11.35 26.72 3.19
C GLU A 373 10.29 27.84 3.13
N GLY A 374 10.73 29.09 3.21
CA GLY A 374 9.90 30.25 2.90
C GLY A 374 9.44 30.29 1.45
N THR A 375 8.37 31.03 1.16
CA THR A 375 7.70 31.08 -0.15
C THR A 375 7.34 32.50 -0.57
N TRP A 376 7.04 32.63 -1.85
CA TRP A 376 6.54 33.83 -2.49
C TRP A 376 5.19 33.57 -3.15
N ASP A 377 4.34 34.59 -3.24
CA ASP A 377 3.00 34.53 -3.83
C ASP A 377 3.02 34.67 -5.36
N PRO A 378 1.90 34.49 -6.07
CA PRO A 378 1.84 34.62 -7.53
C PRO A 378 2.32 35.95 -8.12
N CYS A 379 2.32 37.06 -7.37
CA CYS A 379 2.89 38.35 -7.79
C CYS A 379 4.35 38.56 -7.33
N ARG A 380 5.03 37.51 -6.87
CA ARG A 380 6.42 37.54 -6.37
C ARG A 380 6.62 38.40 -5.11
N ARG A 381 5.60 38.60 -4.28
CA ARG A 381 5.77 39.17 -2.93
C ARG A 381 6.10 38.07 -1.92
N PRO A 382 6.92 38.33 -0.89
CA PRO A 382 7.12 37.43 0.24
C PRO A 382 5.79 36.96 0.87
N CYS A 383 5.70 35.69 1.24
CA CYS A 383 4.47 35.04 1.70
C CYS A 383 4.67 34.33 3.07
N PHE A 384 4.80 32.99 3.11
CA PHE A 384 5.26 32.26 4.30
C PHE A 384 6.76 32.48 4.52
N SER A 385 7.17 32.70 5.77
CA SER A 385 8.56 32.98 6.16
C SER A 385 9.43 31.75 6.41
N GLY A 386 8.87 30.54 6.40
CA GLY A 386 9.63 29.31 6.61
C GLY A 386 9.79 28.90 8.07
N TRP A 387 10.44 27.77 8.29
CA TRP A 387 10.72 27.21 9.61
C TRP A 387 12.14 26.66 9.70
N GLY A 388 12.86 26.98 10.77
CA GLY A 388 14.24 26.57 10.99
C GLY A 388 14.45 25.12 11.46
N GLY A 389 13.38 24.35 11.69
CA GLY A 389 13.44 23.05 12.34
C GLY A 389 13.30 23.13 13.86
N PRO A 390 13.36 21.98 14.57
CA PRO A 390 13.11 21.89 16.01
C PRO A 390 13.88 22.88 16.90
N ASP A 391 13.18 23.62 17.76
CA ASP A 391 13.78 24.61 18.68
C ASP A 391 14.65 23.95 19.77
N VAL A 392 14.41 22.67 20.08
CA VAL A 392 15.28 21.80 20.87
C VAL A 392 15.49 20.48 20.12
N THR A 393 16.73 19.99 20.06
CA THR A 393 17.06 18.80 19.26
C THR A 393 16.54 17.52 19.92
N GLY A 394 15.66 16.80 19.23
CA GLY A 394 15.17 15.49 19.66
C GLY A 394 16.20 14.36 19.45
N THR A 395 15.82 13.14 19.81
CA THR A 395 16.74 11.97 19.86
C THR A 395 17.39 11.57 18.52
N ASN A 396 16.89 12.02 17.37
CA ASN A 396 17.48 11.72 16.04
C ASN A 396 18.55 12.74 15.57
N GLY A 397 18.72 13.88 16.25
CA GLY A 397 19.81 14.85 16.01
C GLY A 397 19.58 15.92 14.92
N PRO A 398 20.51 16.88 14.79
CA PRO A 398 20.38 18.05 13.91
C PRO A 398 20.27 17.71 12.41
N GLY A 399 19.34 18.33 11.70
CA GLY A 399 19.14 18.15 10.27
C GLY A 399 18.54 16.79 9.84
N ASN A 400 18.23 15.93 10.80
CA ASN A 400 17.60 14.63 10.58
C ASN A 400 16.08 14.70 10.77
N TYR A 401 15.35 13.66 10.35
CA TYR A 401 13.89 13.57 10.50
C TYR A 401 13.47 13.58 11.97
N ALA A 402 12.53 14.43 12.35
CA ALA A 402 12.02 14.60 13.71
C ALA A 402 10.53 14.23 13.80
N VAL A 403 9.98 14.16 15.00
CA VAL A 403 8.55 13.83 15.20
C VAL A 403 7.62 14.82 14.50
N GLU A 404 7.98 16.10 14.38
CA GLU A 404 7.26 17.09 13.57
C GLU A 404 7.09 16.69 12.09
N HIS A 405 8.05 15.99 11.46
CA HIS A 405 7.89 15.47 10.10
C HIS A 405 6.88 14.32 10.02
N LEU A 406 6.75 13.48 11.04
CA LEU A 406 5.66 12.50 11.14
C LEU A 406 4.29 13.18 11.34
N VAL A 407 4.21 14.26 12.12
CA VAL A 407 2.99 15.06 12.30
C VAL A 407 2.56 15.73 10.98
N TYR A 408 3.50 16.29 10.22
CA TYR A 408 3.26 16.78 8.86
C TYR A 408 2.76 15.68 7.89
N ALA A 409 3.32 14.47 7.93
CA ALA A 409 2.86 13.34 7.12
C ALA A 409 1.41 12.92 7.45
N ALA A 410 1.00 13.02 8.71
CA ALA A 410 -0.37 12.82 9.19
C ALA A 410 -1.28 14.05 9.09
N SER A 411 -0.94 15.08 8.29
CA SER A 411 -1.75 16.28 8.04
C SER A 411 -2.14 17.10 9.27
N PHE A 412 -1.33 17.09 10.32
CA PHE A 412 -1.61 17.74 11.61
C PHE A 412 -2.96 17.31 12.25
N SER A 413 -3.40 16.06 12.03
CA SER A 413 -4.65 15.51 12.55
C SER A 413 -4.39 14.52 13.69
N PRO A 414 -4.88 14.73 14.92
CA PRO A 414 -4.74 13.73 15.98
C PRO A 414 -5.45 12.42 15.65
N ASN A 415 -6.56 12.44 14.89
CA ASN A 415 -7.23 11.22 14.45
C ASN A 415 -6.35 10.38 13.49
N LEU A 416 -5.80 10.97 12.42
CA LEU A 416 -4.91 10.25 11.51
C LEU A 416 -3.59 9.84 12.18
N LEU A 417 -2.96 10.74 12.94
CA LEU A 417 -1.71 10.48 13.64
C LEU A 417 -1.83 9.28 14.59
N ALA A 418 -2.93 9.16 15.35
CA ALA A 418 -3.19 8.02 16.21
C ALA A 418 -3.19 6.69 15.44
N ARG A 419 -3.88 6.60 14.28
CA ARG A 419 -3.88 5.41 13.45
C ARG A 419 -2.53 5.13 12.75
N TYR A 420 -1.76 6.12 12.31
CA TYR A 420 -0.37 5.89 11.86
C TYR A 420 0.51 5.29 12.96
N ALA A 421 0.46 5.81 14.19
CA ALA A 421 1.20 5.26 15.32
C ALA A 421 0.85 3.79 15.60
N TYR A 422 -0.44 3.43 15.53
CA TYR A 422 -0.91 2.07 15.70
C TYR A 422 -0.34 1.07 14.68
N TYR A 423 -0.23 1.45 13.41
CA TYR A 423 0.42 0.63 12.39
C TYR A 423 1.94 0.56 12.60
N LEU A 424 2.61 1.66 12.97
CA LEU A 424 4.05 1.68 13.24
C LEU A 424 4.46 0.77 14.40
N GLN A 425 3.61 0.56 15.41
CA GLN A 425 3.84 -0.41 16.49
C GLN A 425 4.11 -1.85 16.01
N PHE A 426 3.62 -2.31 14.86
CA PHE A 426 3.90 -3.65 14.33
C PHE A 426 5.32 -3.81 13.74
N CYS A 427 6.04 -2.72 13.47
CA CYS A 427 7.31 -2.73 12.76
C CYS A 427 8.48 -3.15 13.66
N GLN A 428 9.42 -3.94 13.13
CA GLN A 428 10.70 -4.20 13.79
C GLN A 428 11.55 -2.93 13.84
N GLY A 429 12.24 -2.71 14.96
CA GLY A 429 13.34 -1.74 15.04
C GLY A 429 14.59 -2.28 14.34
N GLN A 430 15.39 -1.40 13.74
CA GLN A 430 16.67 -1.75 13.11
C GLN A 430 17.73 -0.74 13.53
N LYS A 431 18.52 -1.04 14.56
CA LYS A 431 19.63 -0.18 15.00
C LYS A 431 20.71 -0.03 13.92
N SER A 432 21.27 1.17 13.80
CA SER A 432 22.53 1.40 13.08
C SER A 432 23.69 0.58 13.65
N SER A 433 24.65 0.16 12.80
CA SER A 433 25.76 -0.70 13.20
C SER A 433 26.89 -0.04 13.99
N LEU A 434 26.95 1.30 14.09
CA LEU A 434 28.08 2.03 14.69
C LEU A 434 27.69 2.97 15.84
N THR A 435 26.42 2.97 16.27
CA THR A 435 25.89 3.91 17.28
C THR A 435 25.51 3.19 18.58
N PRO A 436 26.13 3.54 19.74
CA PRO A 436 25.67 3.10 21.05
C PRO A 436 24.27 3.62 21.39
N VAL A 437 23.36 2.76 21.84
CA VAL A 437 21.97 3.08 22.20
C VAL A 437 21.59 2.41 23.53
N PRO A 438 20.86 3.06 24.45
CA PRO A 438 20.33 2.40 25.65
C PRO A 438 19.51 1.14 25.32
N GLU A 439 19.53 0.14 26.20
CA GLU A 439 18.59 -0.98 26.14
C GLU A 439 17.15 -0.52 26.42
N THR A 440 16.14 -1.22 25.87
CA THR A 440 14.73 -0.78 25.90
C THR A 440 14.24 -0.46 27.32
N GLY A 441 14.55 -1.31 28.30
CA GLY A 441 14.16 -1.10 29.69
C GLY A 441 14.78 0.13 30.34
N SER A 442 16.05 0.46 30.04
CA SER A 442 16.70 1.64 30.59
C SER A 442 16.33 2.93 29.86
N TYR A 443 15.87 2.89 28.61
CA TYR A 443 15.21 4.05 28.02
C TYR A 443 13.84 4.31 28.66
N VAL A 444 12.98 3.29 28.79
CA VAL A 444 11.60 3.42 29.30
C VAL A 444 11.55 3.82 30.78
N ALA A 445 12.44 3.29 31.61
CA ALA A 445 12.57 3.68 33.01
C ALA A 445 13.40 4.95 33.24
N GLY A 446 14.05 5.50 32.21
CA GLY A 446 14.98 6.62 32.30
C GLY A 446 14.46 7.86 31.60
N ALA A 447 14.98 8.17 30.41
CA ALA A 447 14.62 9.35 29.64
C ALA A 447 13.12 9.44 29.32
N ALA A 448 12.43 8.33 29.03
CA ALA A 448 11.00 8.36 28.72
C ALA A 448 10.11 8.72 29.91
N ALA A 449 10.57 8.48 31.14
CA ALA A 449 9.87 8.80 32.38
C ALA A 449 10.21 10.19 32.93
N SER A 450 10.97 11.01 32.19
CA SER A 450 11.29 12.38 32.57
C SER A 450 10.03 13.26 32.64
N PRO A 451 9.83 14.07 33.69
CA PRO A 451 8.70 15.00 33.77
C PRO A 451 8.79 16.18 32.78
N MET A 452 9.85 16.24 31.98
CA MET A 452 10.03 17.21 30.90
C MET A 452 9.41 16.78 29.55
N CYS A 453 8.90 15.55 29.37
CA CYS A 453 8.15 15.18 28.16
C CYS A 453 6.90 16.06 28.00
N SER A 454 6.75 16.74 26.86
CA SER A 454 5.57 17.57 26.55
C SER A 454 4.33 16.77 26.19
N LEU A 455 4.47 15.48 25.87
CA LEU A 455 3.33 14.63 25.51
C LEU A 455 2.72 13.97 26.75
N CYS A 456 3.49 13.21 27.52
CA CYS A 456 3.00 12.36 28.61
C CYS A 456 3.36 12.86 30.02
N GLU A 457 4.21 13.88 30.15
CA GLU A 457 4.80 14.32 31.42
C GLU A 457 5.56 13.22 32.16
N GLY A 458 5.99 12.17 31.46
CA GLY A 458 6.65 11.01 32.04
C GLY A 458 5.69 10.00 32.68
N ARG A 459 4.37 10.17 32.53
CA ARG A 459 3.35 9.33 33.17
C ARG A 459 2.79 8.21 32.28
N ALA A 460 3.15 8.13 31.01
CA ALA A 460 2.81 7.01 30.12
C ALA A 460 4.02 6.49 29.32
N PRO A 461 5.18 6.21 29.95
CA PRO A 461 6.45 6.08 29.25
C PRO A 461 6.54 4.93 28.26
N ALA A 462 5.79 3.84 28.47
CA ALA A 462 5.81 2.69 27.58
C ALA A 462 4.99 2.89 26.28
N VAL A 463 3.96 3.74 26.26
CA VAL A 463 3.12 3.99 25.09
C VAL A 463 3.33 5.34 24.41
N CYS A 464 4.03 6.29 25.03
CA CYS A 464 4.28 7.63 24.50
C CYS A 464 4.80 7.62 23.04
N LEU A 465 4.31 8.55 22.21
CA LEU A 465 4.77 8.69 20.82
C LEU A 465 6.28 8.94 20.72
N ASN A 466 6.89 9.64 21.70
CA ASN A 466 8.35 9.82 21.76
C ASN A 466 9.10 8.49 21.96
N THR A 467 8.53 7.54 22.69
CA THR A 467 9.10 6.20 22.86
C THR A 467 8.99 5.37 21.59
N LEU A 468 7.85 5.41 20.89
CA LEU A 468 7.71 4.76 19.59
C LEU A 468 8.66 5.36 18.54
N PHE A 469 8.80 6.69 18.50
CA PHE A 469 9.76 7.35 17.63
C PHE A 469 11.19 6.91 17.94
N PHE A 470 11.60 6.87 19.22
CA PHE A 470 12.93 6.45 19.64
C PHE A 470 13.29 5.04 19.16
N ARG A 471 12.35 4.08 19.26
CA ARG A 471 12.52 2.68 18.84
C ARG A 471 12.70 2.51 17.33
N LEU A 472 12.03 3.33 16.51
CA LEU A 472 12.03 3.26 15.04
C LEU A 472 12.96 4.28 14.35
N ARG A 473 13.71 5.05 15.12
CA ARG A 473 14.50 6.23 14.73
C ARG A 473 15.38 6.07 13.48
N ASP A 474 16.07 4.95 13.35
CA ASP A 474 16.98 4.71 12.22
C ASP A 474 16.27 4.27 10.92
N ARG A 475 14.94 4.07 10.90
CA ARG A 475 14.17 3.72 9.70
C ARG A 475 13.61 4.92 8.92
N PHE A 476 13.54 6.12 9.51
CA PHE A 476 13.02 7.32 8.83
C PHE A 476 13.96 7.83 7.71
N PRO A 477 13.42 8.43 6.64
CA PRO A 477 14.21 8.92 5.50
C PRO A 477 15.03 10.17 5.84
N PRO A 478 16.00 10.59 5.00
CA PRO A 478 16.67 11.88 5.14
C PRO A 478 15.74 13.06 4.81
N VAL A 479 16.11 14.26 5.25
CA VAL A 479 15.41 15.52 4.99
C VAL A 479 16.05 16.24 3.78
N MET A 480 15.39 16.21 2.63
CA MET A 480 15.97 16.57 1.31
C MET A 480 15.51 17.93 0.77
N SER A 481 16.43 18.69 0.17
CA SER A 481 16.18 19.98 -0.47
C SER A 481 16.53 20.03 -1.98
N THR A 482 16.72 18.88 -2.63
CA THR A 482 17.11 18.79 -4.06
C THR A 482 15.94 18.66 -5.03
N GLN A 483 16.21 18.76 -6.34
CA GLN A 483 15.22 18.98 -7.41
C GLN A 483 15.27 17.91 -8.53
N ARG A 484 15.65 16.67 -8.23
CA ARG A 484 15.81 15.57 -9.20
C ARG A 484 14.48 14.92 -9.65
N ARG A 485 14.40 14.37 -10.87
CA ARG A 485 13.26 13.62 -11.41
C ARG A 485 13.28 12.14 -10.99
N ASP A 486 12.53 11.80 -9.94
CA ASP A 486 12.43 10.46 -9.33
C ASP A 486 11.00 9.90 -9.41
N PRO A 487 10.80 8.57 -9.42
CA PRO A 487 9.49 7.95 -9.23
C PRO A 487 8.89 8.33 -7.87
N TYR A 488 7.57 8.29 -7.72
CA TYR A 488 6.87 8.47 -6.44
C TYR A 488 6.00 7.26 -6.10
N VAL A 489 5.73 7.02 -4.81
CA VAL A 489 5.13 5.75 -4.33
C VAL A 489 3.62 5.90 -4.10
N ILE A 490 2.80 5.03 -4.69
CA ILE A 490 1.33 5.03 -4.57
C ILE A 490 0.83 3.76 -3.87
N SER A 491 -0.34 3.82 -3.23
CA SER A 491 -0.98 2.70 -2.51
C SER A 491 -2.45 2.56 -2.86
N GLY A 492 -2.95 1.33 -2.96
CA GLY A 492 -4.38 1.08 -3.15
C GLY A 492 -4.73 -0.31 -3.66
N ALA A 493 -6.01 -0.54 -3.90
CA ALA A 493 -6.56 -1.77 -4.47
C ALA A 493 -6.15 -1.97 -5.94
N SER A 494 -5.90 -3.21 -6.34
CA SER A 494 -5.68 -3.59 -7.74
C SER A 494 -6.98 -3.91 -8.52
N GLY A 495 -6.92 -3.76 -9.85
CA GLY A 495 -8.00 -4.10 -10.78
C GLY A 495 -8.08 -5.59 -11.15
N SER A 496 -9.02 -5.93 -12.04
CA SER A 496 -9.39 -7.31 -12.37
C SER A 496 -8.36 -8.09 -13.19
N TYR A 497 -7.69 -7.42 -14.14
CA TYR A 497 -6.87 -8.07 -15.17
C TYR A 497 -5.42 -7.59 -15.11
N ASN A 498 -4.59 -8.35 -14.41
CA ASN A 498 -3.15 -8.13 -14.26
C ASN A 498 -2.40 -9.20 -15.04
N GLU A 499 -1.37 -8.83 -15.81
CA GLU A 499 -0.52 -9.74 -16.60
C GLU A 499 0.89 -9.77 -16.03
N THR A 500 1.16 -10.69 -15.10
CA THR A 500 2.39 -10.73 -14.29
C THR A 500 3.08 -12.10 -14.27
N ASP A 501 2.79 -13.01 -15.20
CA ASP A 501 3.64 -14.18 -15.49
C ASP A 501 4.93 -13.77 -16.22
N PHE A 502 5.90 -14.68 -16.39
CA PHE A 502 7.23 -14.35 -16.87
C PHE A 502 7.29 -13.54 -18.18
N LEU A 503 6.38 -13.74 -19.15
CA LEU A 503 6.33 -12.96 -20.40
C LEU A 503 5.21 -11.89 -20.43
N GLY A 504 4.58 -11.55 -19.32
CA GLY A 504 3.60 -10.46 -19.23
C GLY A 504 2.43 -10.57 -20.22
N ASN A 505 2.18 -9.51 -20.99
CA ASN A 505 1.09 -9.39 -21.96
C ASN A 505 1.34 -10.05 -23.33
N PHE A 506 2.39 -10.86 -23.49
CA PHE A 506 2.64 -11.64 -24.71
C PHE A 506 1.44 -12.53 -25.08
N LEU A 507 0.96 -12.46 -26.33
CA LEU A 507 -0.22 -13.18 -26.85
C LEU A 507 -1.44 -13.20 -25.92
N ASN A 508 -1.81 -12.06 -25.34
CA ASN A 508 -2.97 -11.97 -24.46
C ASN A 508 -4.30 -12.12 -25.22
N PHE A 509 -4.35 -11.78 -26.51
CA PHE A 509 -5.52 -11.93 -27.38
C PHE A 509 -5.15 -12.37 -28.80
N ILE A 510 -6.09 -13.02 -29.47
CA ILE A 510 -5.95 -13.67 -30.78
C ILE A 510 -7.09 -13.29 -31.72
N TYR A 525 -3.81 -20.58 -29.88
CA TYR A 525 -4.35 -20.27 -28.55
C TYR A 525 -3.47 -19.26 -27.81
N THR A 526 -4.03 -18.56 -26.81
CA THR A 526 -3.38 -17.49 -26.06
C THR A 526 -2.37 -17.99 -25.03
N TYR A 527 -1.54 -17.09 -24.48
CA TYR A 527 -0.59 -17.41 -23.41
C TYR A 527 -1.31 -17.78 -22.11
N TRP A 528 -2.42 -17.12 -21.78
CA TRP A 528 -3.29 -17.54 -20.67
C TRP A 528 -3.81 -18.97 -20.85
N GLN A 529 -4.24 -19.37 -22.05
CA GLN A 529 -4.67 -20.74 -22.31
C GLN A 529 -3.52 -21.75 -22.21
N LEU A 530 -2.32 -21.41 -22.70
CA LEU A 530 -1.11 -22.22 -22.54
C LEU A 530 -0.82 -22.51 -21.07
N ASN A 531 -0.88 -21.50 -20.20
CA ASN A 531 -0.68 -21.67 -18.76
C ASN A 531 -1.77 -22.55 -18.11
N GLN A 532 -3.04 -22.39 -18.48
CA GLN A 532 -4.12 -23.28 -18.03
C GLN A 532 -3.93 -24.73 -18.50
N ASN A 533 -3.48 -24.97 -19.74
CA ASN A 533 -3.18 -26.32 -20.23
C ASN A 533 -2.07 -26.99 -19.42
N LEU A 534 -1.01 -26.25 -19.06
CA LEU A 534 0.06 -26.75 -18.20
C LEU A 534 -0.47 -27.14 -16.82
N LEU A 535 -1.27 -26.28 -16.17
CA LEU A 535 -1.85 -26.60 -14.87
C LEU A 535 -2.74 -27.86 -14.89
N GLU A 536 -3.48 -28.11 -15.96
CA GLU A 536 -4.27 -29.32 -16.15
C GLU A 536 -3.41 -30.59 -16.27
N ARG A 537 -2.31 -30.56 -17.04
CA ARG A 537 -1.36 -31.68 -17.10
C ARG A 537 -0.72 -31.98 -15.74
N LEU A 538 -0.39 -30.96 -14.96
CA LEU A 538 0.18 -31.15 -13.62
C LEU A 538 -0.84 -31.69 -12.60
N SER A 539 -2.12 -31.31 -12.72
CA SER A 539 -3.19 -31.90 -11.91
C SER A 539 -3.32 -33.40 -12.12
N ARG A 540 -3.19 -33.89 -13.36
CA ARG A 540 -3.19 -35.33 -13.68
C ARG A 540 -1.95 -36.11 -13.21
N LEU A 541 -0.89 -35.44 -12.77
CA LEU A 541 0.29 -36.02 -12.09
C LEU A 541 0.19 -35.90 -10.55
N GLY A 542 -0.87 -35.29 -10.02
CA GLY A 542 -1.12 -35.13 -8.59
C GLY A 542 -0.52 -33.88 -7.95
N ILE A 543 -0.36 -32.78 -8.71
CA ILE A 543 0.19 -31.50 -8.25
C ILE A 543 -0.88 -30.40 -8.38
N ASP A 544 -1.21 -29.69 -7.31
CA ASP A 544 -2.19 -28.58 -7.34
C ASP A 544 -1.61 -27.19 -7.74
N ALA A 545 -2.46 -26.19 -7.92
CA ALA A 545 -2.06 -24.87 -8.44
C ALA A 545 -1.09 -24.08 -7.54
N GLU A 546 -1.00 -24.38 -6.26
CA GLU A 546 0.00 -23.82 -5.34
C GLU A 546 1.24 -24.72 -5.20
N GLY A 547 1.26 -25.89 -5.84
CA GLY A 547 2.36 -26.84 -5.88
C GLY A 547 2.35 -27.94 -4.84
N LYS A 548 1.27 -28.13 -4.07
CA LYS A 548 1.16 -29.23 -3.12
C LYS A 548 0.93 -30.57 -3.84
N LEU A 549 1.63 -31.62 -3.41
CA LEU A 549 1.51 -32.99 -3.91
C LEU A 549 0.37 -33.77 -3.21
N GLU A 550 -0.33 -34.65 -3.92
CA GLU A 550 -1.23 -35.66 -3.33
C GLU A 550 -0.49 -36.87 -2.74
N LYS A 551 0.76 -37.11 -3.13
CA LYS A 551 1.63 -38.17 -2.62
C LYS A 551 3.11 -37.76 -2.68
N GLU A 552 3.73 -37.58 -1.52
CA GLU A 552 5.15 -37.22 -1.41
C GLU A 552 6.08 -38.41 -1.70
N PRO A 553 7.29 -38.18 -2.26
CA PRO A 553 8.21 -39.26 -2.66
C PRO A 553 8.77 -40.08 -1.49
N HIS A 554 8.83 -41.40 -1.65
CA HIS A 554 9.26 -42.38 -0.66
C HIS A 554 10.79 -42.59 -0.56
N GLY A 555 11.55 -42.13 -1.54
CA GLY A 555 12.95 -42.47 -1.68
C GLY A 555 13.54 -42.03 -3.01
N PRO A 556 14.83 -42.31 -3.26
CA PRO A 556 15.54 -41.83 -4.44
C PRO A 556 14.80 -42.05 -5.78
N ARG A 557 14.25 -43.24 -6.08
CA ARG A 557 13.53 -43.50 -7.35
C ARG A 557 12.35 -42.55 -7.57
N ASP A 558 11.47 -42.37 -6.61
CA ASP A 558 10.29 -41.51 -6.71
C ASP A 558 10.66 -40.04 -6.97
N PHE A 559 11.68 -39.54 -6.28
CA PHE A 559 12.23 -38.20 -6.45
C PHE A 559 12.64 -37.94 -7.92
N VAL A 560 13.38 -38.85 -8.54
CA VAL A 560 13.75 -38.74 -9.96
C VAL A 560 12.51 -38.83 -10.88
N LYS A 561 11.61 -39.79 -10.67
CA LYS A 561 10.41 -40.00 -11.48
C LYS A 561 9.47 -38.79 -11.47
N MET A 562 9.32 -38.12 -10.34
CA MET A 562 8.54 -36.89 -10.18
C MET A 562 9.04 -35.78 -11.13
N PHE A 563 10.34 -35.55 -11.17
CA PHE A 563 10.94 -34.57 -12.06
C PHE A 563 10.85 -34.98 -13.54
N LYS A 564 11.17 -36.22 -13.91
CA LYS A 564 11.09 -36.66 -15.30
C LYS A 564 9.66 -36.62 -15.85
N ASP A 565 8.64 -36.92 -15.06
CA ASP A 565 7.25 -36.76 -15.50
C ASP A 565 6.84 -35.28 -15.67
N VAL A 566 7.22 -34.36 -14.78
CA VAL A 566 6.98 -32.93 -14.97
C VAL A 566 7.70 -32.36 -16.20
N ASP A 567 8.94 -32.74 -16.44
CA ASP A 567 9.70 -32.36 -17.64
C ASP A 567 9.00 -32.84 -18.93
N ALA A 568 8.59 -34.10 -18.99
CA ALA A 568 7.84 -34.63 -20.12
C ALA A 568 6.48 -33.95 -20.35
N ALA A 569 5.76 -33.52 -19.31
CA ALA A 569 4.54 -32.74 -19.46
C ALA A 569 4.77 -31.35 -20.09
N VAL A 570 5.78 -30.61 -19.63
CA VAL A 570 6.16 -29.29 -20.18
C VAL A 570 6.58 -29.41 -21.65
N ASP A 571 7.40 -30.39 -21.97
CA ASP A 571 7.96 -30.55 -23.31
C ASP A 571 6.95 -31.05 -24.34
N ALA A 572 5.88 -31.73 -23.95
CA ALA A 572 4.75 -32.02 -24.83
C ALA A 572 3.92 -30.77 -25.14
N GLU A 573 3.65 -29.90 -24.16
CA GLU A 573 2.88 -28.68 -24.37
C GLU A 573 3.62 -27.68 -25.28
N VAL A 574 4.94 -27.56 -25.14
CA VAL A 574 5.78 -26.75 -26.05
C VAL A 574 5.67 -27.19 -27.52
N VAL A 575 5.68 -28.49 -27.79
CA VAL A 575 5.49 -29.02 -29.14
C VAL A 575 4.11 -28.65 -29.74
N GLN A 576 3.00 -28.77 -29.02
CA GLN A 576 1.69 -28.29 -29.50
C GLN A 576 1.65 -26.78 -29.73
N PHE A 577 2.16 -25.97 -28.80
CA PHE A 577 2.12 -24.51 -28.92
C PHE A 577 2.92 -24.02 -30.12
N MET A 578 4.14 -24.50 -30.31
CA MET A 578 4.96 -24.16 -31.46
C MET A 578 4.33 -24.63 -32.77
N ASN A 579 3.72 -25.81 -32.84
CA ASN A 579 3.03 -26.28 -34.04
C ASN A 579 1.74 -25.47 -34.34
N SER A 580 1.09 -24.88 -33.35
CA SER A 580 0.05 -23.87 -33.55
C SER A 580 0.60 -22.61 -34.22
N MET A 581 1.64 -21.96 -33.66
CA MET A 581 2.23 -20.74 -34.22
C MET A 581 2.64 -20.89 -35.68
N ALA A 582 3.11 -22.08 -36.06
CA ALA A 582 3.38 -22.45 -37.44
C ALA A 582 2.12 -22.45 -38.31
N LYS A 583 1.08 -23.24 -38.01
CA LYS A 583 -0.12 -23.31 -38.87
C LYS A 583 -0.91 -21.99 -38.97
N ASN A 584 -1.05 -21.24 -37.88
CA ASN A 584 -1.75 -19.95 -37.81
C ASN A 584 -0.93 -18.74 -38.33
N ASN A 585 0.34 -18.92 -38.68
CA ASN A 585 1.25 -17.88 -39.16
C ASN A 585 1.42 -16.68 -38.20
N ILE A 586 1.78 -16.96 -36.95
CA ILE A 586 1.97 -15.89 -35.95
C ILE A 586 3.46 -15.52 -35.83
N THR A 587 3.78 -14.23 -35.90
CA THR A 587 5.15 -13.70 -35.96
C THR A 587 5.80 -13.53 -34.56
N TYR A 588 5.64 -14.52 -33.69
CA TYR A 588 5.90 -14.45 -32.25
C TYR A 588 7.31 -13.98 -31.85
N LYS A 589 8.32 -14.19 -32.69
CA LYS A 589 9.67 -13.63 -32.52
C LYS A 589 9.69 -12.11 -32.34
N ASP A 590 8.86 -11.39 -33.11
CA ASP A 590 8.68 -9.95 -32.95
C ASP A 590 7.86 -9.62 -31.70
N LEU A 591 6.79 -10.36 -31.45
CA LEU A 591 5.92 -10.09 -30.30
C LEU A 591 6.62 -10.29 -28.95
N VAL A 592 7.58 -11.21 -28.82
CA VAL A 592 8.37 -11.34 -27.58
C VAL A 592 9.16 -10.06 -27.31
N LYS A 593 9.84 -9.50 -28.30
CA LYS A 593 10.62 -8.24 -28.14
C LYS A 593 9.80 -7.08 -27.60
N SER A 594 8.50 -6.98 -27.87
CA SER A 594 7.67 -5.86 -27.46
C SER A 594 6.77 -6.10 -26.23
N CYS A 595 6.88 -7.21 -25.50
CA CYS A 595 5.97 -7.51 -24.38
C CYS A 595 6.27 -6.78 -23.05
N TYR A 596 5.25 -6.55 -22.23
CA TYR A 596 5.31 -5.81 -20.95
C TYR A 596 4.53 -6.56 -19.85
N HIS A 597 5.03 -6.57 -18.62
CA HIS A 597 4.20 -6.80 -17.44
C HIS A 597 3.19 -5.67 -17.28
N VAL A 598 1.96 -5.95 -16.90
CA VAL A 598 0.91 -4.95 -16.75
C VAL A 598 0.19 -5.15 -15.41
N MET A 599 0.07 -4.08 -14.63
CA MET A 599 -0.71 -4.06 -13.39
C MET A 599 -1.75 -2.94 -13.45
N GLN A 600 -2.95 -3.20 -12.95
CA GLN A 600 -4.03 -2.21 -12.89
C GLN A 600 -4.20 -1.68 -11.48
N TYR A 601 -4.13 -0.35 -11.32
CA TYR A 601 -4.47 0.35 -10.10
C TYR A 601 -5.93 0.84 -10.21
N SER A 602 -6.82 0.36 -9.35
CA SER A 602 -8.26 0.67 -9.42
C SER A 602 -8.58 2.14 -9.08
N CYS A 603 -9.49 2.79 -9.79
CA CYS A 603 -9.98 4.13 -9.48
C CYS A 603 -11.31 4.14 -8.69
N ASN A 604 -11.82 3.01 -8.23
CA ASN A 604 -13.03 2.94 -7.40
C ASN A 604 -12.70 3.20 -5.91
N PRO A 605 -13.23 4.26 -5.27
CA PRO A 605 -12.98 4.53 -3.85
C PRO A 605 -13.55 3.45 -2.91
N PHE A 606 -14.56 2.69 -3.33
CA PHE A 606 -15.12 1.60 -2.52
C PHE A 606 -14.33 0.29 -2.65
N ALA A 607 -13.43 0.12 -3.62
CA ALA A 607 -12.56 -1.05 -3.70
C ALA A 607 -11.40 -1.06 -2.69
N GLN A 608 -11.07 0.10 -2.08
CA GLN A 608 -9.98 0.28 -1.13
C GLN A 608 -10.19 -0.48 0.19
N PRO A 609 -9.14 -0.89 0.93
CA PRO A 609 -9.31 -1.62 2.18
C PRO A 609 -10.00 -0.79 3.27
N ALA A 610 -10.67 -1.42 4.22
CA ALA A 610 -11.49 -0.80 5.27
C ALA A 610 -10.68 -0.10 6.38
N CYS A 611 -9.90 0.91 6.01
CA CYS A 611 -9.10 1.78 6.85
C CYS A 611 -9.30 3.25 6.43
N PRO A 612 -9.55 4.20 7.34
CA PRO A 612 -9.58 5.62 7.02
C PRO A 612 -8.25 6.21 6.51
N ILE A 613 -7.07 5.64 6.82
CA ILE A 613 -5.81 6.11 6.21
C ILE A 613 -5.78 5.83 4.72
N PHE A 614 -6.33 4.71 4.26
CA PHE A 614 -6.44 4.44 2.84
C PHE A 614 -7.31 5.43 2.09
N THR A 615 -8.26 6.14 2.72
CA THR A 615 -8.97 7.28 2.10
C THR A 615 -8.00 8.39 1.70
N GLN A 616 -7.10 8.80 2.59
CA GLN A 616 -6.10 9.81 2.28
C GLN A 616 -5.07 9.34 1.24
N LEU A 617 -4.54 8.12 1.34
CA LEU A 617 -3.58 7.59 0.36
C LEU A 617 -4.18 7.45 -1.05
N PHE A 618 -5.44 6.99 -1.18
CA PHE A 618 -6.12 6.93 -2.47
C PHE A 618 -6.32 8.32 -3.08
N TYR A 619 -6.94 9.26 -2.35
CA TYR A 619 -7.22 10.61 -2.84
C TYR A 619 -5.93 11.33 -3.28
N ARG A 620 -4.87 11.30 -2.47
CA ARG A 620 -3.60 11.97 -2.78
C ARG A 620 -2.83 11.28 -3.91
N SER A 621 -2.91 9.97 -4.05
CA SER A 621 -2.40 9.25 -5.23
C SER A 621 -3.09 9.73 -6.52
N LEU A 622 -4.42 9.84 -6.53
CA LEU A 622 -5.19 10.32 -7.68
C LEU A 622 -4.85 11.78 -8.06
N LEU A 623 -4.82 12.70 -7.10
CA LEU A 623 -4.46 14.11 -7.35
C LEU A 623 -3.05 14.26 -7.92
N THR A 624 -2.08 13.46 -7.44
CA THR A 624 -0.71 13.48 -7.95
C THR A 624 -0.62 12.99 -9.39
N ILE A 625 -1.29 11.89 -9.72
CA ILE A 625 -1.29 11.33 -11.08
C ILE A 625 -1.94 12.29 -12.09
N LEU A 626 -3.06 12.94 -11.76
CA LEU A 626 -3.68 13.94 -12.62
C LEU A 626 -2.76 15.13 -12.90
N GLN A 627 -2.07 15.65 -11.88
CA GLN A 627 -1.09 16.72 -12.05
C GLN A 627 0.03 16.30 -13.00
N ASP A 628 0.63 15.12 -12.80
CA ASP A 628 1.73 14.61 -13.63
C ASP A 628 1.32 14.36 -15.09
N ILE A 629 0.12 13.80 -15.35
CA ILE A 629 -0.40 13.65 -16.72
C ILE A 629 -0.53 15.01 -17.42
N SER A 630 -0.99 16.05 -16.72
CA SER A 630 -1.22 17.37 -17.30
C SER A 630 0.04 18.15 -17.69
N LEU A 631 1.24 17.83 -17.17
CA LEU A 631 2.43 18.68 -17.33
C LEU A 631 2.81 18.98 -18.80
N PRO A 632 2.94 18.01 -19.72
CA PRO A 632 3.26 18.34 -21.11
C PRO A 632 2.10 19.04 -21.83
N ILE A 633 0.85 18.77 -21.44
CA ILE A 633 -0.35 19.38 -22.04
C ILE A 633 -0.36 20.89 -21.76
N CYS A 634 -0.09 21.29 -20.51
CA CYS A 634 0.06 22.68 -20.09
C CYS A 634 1.29 23.35 -20.73
N MET A 635 2.45 22.66 -20.77
CA MET A 635 3.67 23.19 -21.39
C MET A 635 3.47 23.53 -22.87
N CYS A 636 2.86 22.63 -23.64
CA CYS A 636 2.58 22.89 -25.05
C CYS A 636 1.63 24.07 -25.25
N TYR A 637 0.54 24.18 -24.46
CA TYR A 637 -0.39 25.31 -24.58
C TYR A 637 0.31 26.64 -24.28
N GLU A 638 1.08 26.73 -23.19
CA GLU A 638 1.82 27.96 -22.84
C GLU A 638 2.93 28.29 -23.84
N ASN A 639 3.63 27.30 -24.42
CA ASN A 639 4.57 27.52 -25.53
C ASN A 639 3.91 28.19 -26.74
N ASP A 640 2.67 27.83 -27.07
CA ASP A 640 1.92 28.47 -28.17
C ASP A 640 1.20 29.76 -27.74
N ASN A 641 0.99 29.98 -26.44
CA ASN A 641 0.25 31.11 -25.85
C ASN A 641 1.02 31.68 -24.63
N PRO A 642 2.12 32.41 -24.84
CA PRO A 642 3.11 32.68 -23.80
C PRO A 642 2.64 33.70 -22.75
N GLY A 643 3.13 33.58 -21.52
CA GLY A 643 2.72 34.41 -20.38
C GLY A 643 3.14 35.88 -20.42
N LEU A 644 4.20 36.25 -21.12
CA LEU A 644 4.70 37.63 -21.31
C LEU A 644 4.80 38.48 -20.02
N GLY A 645 5.12 37.85 -18.89
CA GLY A 645 5.18 38.52 -17.59
C GLY A 645 3.83 38.81 -16.92
N GLN A 646 2.72 38.29 -17.44
CA GLN A 646 1.50 38.13 -16.66
C GLN A 646 1.68 37.12 -15.52
N SER A 647 0.97 37.35 -14.43
CA SER A 647 0.86 36.41 -13.32
C SER A 647 -0.01 35.21 -13.69
N PRO A 648 0.16 34.02 -13.10
CA PRO A 648 -0.72 32.90 -13.39
C PRO A 648 -2.21 33.21 -13.28
N PRO A 649 -2.73 33.87 -12.22
CA PRO A 649 -4.14 34.25 -12.16
C PRO A 649 -4.65 35.05 -13.37
N GLU A 650 -3.89 36.03 -13.89
CA GLU A 650 -4.30 36.86 -15.03
C GLU A 650 -4.20 36.14 -16.37
N TRP A 651 -3.26 35.22 -16.51
CA TRP A 651 -3.18 34.35 -17.67
C TRP A 651 -4.33 33.33 -17.68
N LEU A 652 -4.65 32.68 -16.56
CA LEU A 652 -5.72 31.69 -16.46
C LEU A 652 -7.13 32.27 -16.72
N LYS A 653 -7.34 33.56 -16.48
CA LYS A 653 -8.60 34.26 -16.71
C LYS A 653 -9.02 34.29 -18.18
N GLY A 654 -8.09 34.43 -19.11
CA GLY A 654 -8.35 34.27 -20.55
C GLY A 654 -8.25 32.81 -21.06
N HIS A 655 -7.37 31.99 -20.48
CA HIS A 655 -6.92 30.72 -21.10
C HIS A 655 -7.49 29.41 -20.51
N TYR A 656 -8.18 29.41 -19.38
CA TYR A 656 -8.49 28.14 -18.68
C TYR A 656 -9.59 27.27 -19.32
N GLN A 657 -10.65 27.87 -19.88
CA GLN A 657 -11.75 27.13 -20.53
C GLN A 657 -11.28 26.28 -21.72
N THR A 658 -10.34 26.79 -22.52
CA THR A 658 -9.71 26.02 -23.61
C THR A 658 -8.85 24.88 -23.06
N LEU A 659 -8.05 25.13 -22.03
CA LEU A 659 -7.18 24.12 -21.42
C LEU A 659 -7.95 22.95 -20.76
N CYS A 660 -9.10 23.20 -20.13
CA CYS A 660 -10.04 22.14 -19.71
C CYS A 660 -10.48 21.18 -20.83
N THR A 661 -10.83 21.71 -22.01
CA THR A 661 -11.25 20.93 -23.20
C THR A 661 -10.09 20.15 -23.80
N ASN A 662 -8.90 20.76 -23.89
CA ASN A 662 -7.66 20.07 -24.28
C ASN A 662 -7.35 18.90 -23.34
N PHE A 663 -7.43 19.10 -22.02
CA PHE A 663 -7.11 18.04 -21.05
C PHE A 663 -8.03 16.82 -21.20
N ARG A 664 -9.35 17.04 -21.30
CA ARG A 664 -10.34 15.97 -21.47
C ARG A 664 -10.05 15.08 -22.69
N SER A 665 -9.59 15.66 -23.80
CA SER A 665 -9.20 14.90 -25.00
C SER A 665 -7.82 14.22 -24.91
N LEU A 666 -6.83 14.88 -24.30
CA LEU A 666 -5.42 14.46 -24.34
C LEU A 666 -4.95 13.62 -23.15
N ALA A 667 -5.59 13.71 -22.00
CA ALA A 667 -5.22 12.95 -20.80
C ALA A 667 -5.83 11.53 -20.73
N ILE A 668 -6.94 11.27 -21.44
CA ILE A 668 -7.79 10.09 -21.25
C ILE A 668 -7.71 9.16 -22.48
N ASP A 669 -7.52 7.86 -22.22
CA ASP A 669 -7.30 6.80 -23.23
C ASP A 669 -6.01 6.97 -24.07
N LYS A 670 -5.01 7.71 -23.58
CA LYS A 670 -3.70 7.90 -24.25
C LYS A 670 -2.55 7.09 -23.62
N GLY A 671 -2.86 6.15 -22.73
CA GLY A 671 -1.94 5.10 -22.28
C GLY A 671 -1.74 4.96 -20.77
N VAL A 672 -2.34 5.80 -19.93
CA VAL A 672 -2.24 5.71 -18.46
C VAL A 672 -3.62 5.64 -17.81
N LEU A 673 -4.51 6.59 -18.10
CA LEU A 673 -5.81 6.75 -17.45
C LEU A 673 -6.94 6.36 -18.39
N THR A 674 -7.87 5.51 -17.94
CA THR A 674 -9.12 5.21 -18.67
C THR A 674 -10.34 5.69 -17.89
N ALA A 675 -11.26 6.36 -18.58
CA ALA A 675 -12.52 6.85 -18.04
C ALA A 675 -13.60 6.90 -19.13
N LYS A 676 -14.86 6.69 -18.76
CA LYS A 676 -16.02 6.69 -19.66
C LYS A 676 -16.94 7.85 -19.33
N GLU A 677 -17.36 8.64 -20.32
CA GLU A 677 -18.46 9.59 -20.11
C GLU A 677 -19.83 8.93 -20.33
N ALA A 678 -20.82 9.34 -19.52
CA ALA A 678 -22.18 8.81 -19.54
C ALA A 678 -23.20 9.95 -19.38
N LYS A 679 -24.35 9.83 -20.04
CA LYS A 679 -25.52 10.68 -19.79
C LYS A 679 -26.42 10.05 -18.72
N VAL A 680 -26.87 10.85 -17.77
CA VAL A 680 -27.76 10.44 -16.69
C VAL A 680 -29.19 10.89 -17.02
N VAL A 681 -30.13 9.96 -17.04
CA VAL A 681 -31.55 10.23 -17.25
C VAL A 681 -32.40 9.68 -16.12
N HIS A 682 -33.50 10.35 -15.79
CA HIS A 682 -34.56 9.83 -14.94
C HIS A 682 -35.82 9.58 -15.76
N GLY A 683 -36.40 8.38 -15.64
CA GLY A 683 -37.47 7.91 -16.51
C GLY A 683 -38.84 8.55 -16.28
N GLU A 684 -39.31 8.60 -15.03
CA GLU A 684 -40.59 9.25 -14.71
C GLU A 684 -40.46 10.79 -14.71
N PRO A 685 -41.50 11.53 -15.11
CA PRO A 685 -41.57 12.97 -14.89
C PRO A 685 -41.86 13.36 -13.42
N THR A 686 -42.34 12.43 -12.60
CA THR A 686 -42.71 12.63 -11.20
C THR A 686 -42.13 11.53 -10.31
N CYS A 687 -42.05 11.70 -8.99
CA CYS A 687 -41.80 10.58 -8.09
C CYS A 687 -42.49 10.71 -6.73
N ASP A 688 -42.73 9.57 -6.07
CA ASP A 688 -43.36 9.49 -4.75
C ASP A 688 -42.34 9.82 -3.65
N LEU A 689 -42.53 10.94 -2.97
CA LEU A 689 -41.65 11.44 -1.92
C LEU A 689 -42.51 11.93 -0.76
N PRO A 690 -41.97 12.09 0.46
CA PRO A 690 -42.70 12.73 1.53
C PRO A 690 -42.89 14.21 1.24
N ASP A 691 -44.01 14.78 1.64
CA ASP A 691 -44.21 16.22 1.61
C ASP A 691 -43.26 16.93 2.60
N LEU A 692 -42.27 17.67 2.08
CA LEU A 692 -41.23 18.26 2.92
C LEU A 692 -41.71 19.47 3.73
N ASP A 693 -42.72 20.19 3.25
CA ASP A 693 -43.34 21.28 4.00
C ASP A 693 -44.21 20.75 5.14
N ALA A 694 -44.87 19.60 4.96
CA ALA A 694 -45.54 18.90 6.05
C ALA A 694 -44.56 18.25 7.03
N ALA A 695 -43.47 17.64 6.55
CA ALA A 695 -42.51 16.93 7.40
C ALA A 695 -41.72 17.86 8.32
N LEU A 696 -41.38 19.07 7.86
CA LEU A 696 -40.74 20.10 8.67
C LEU A 696 -41.61 20.52 9.88
N GLN A 697 -42.93 20.49 9.74
CA GLN A 697 -43.91 20.77 10.80
C GLN A 697 -44.40 19.50 11.55
N GLY A 698 -43.78 18.34 11.33
CA GLY A 698 -44.06 17.12 12.08
C GLY A 698 -45.06 16.11 11.50
N ARG A 699 -45.53 16.26 10.25
CA ARG A 699 -46.51 15.36 9.59
C ARG A 699 -45.91 14.55 8.45
N VAL A 700 -46.25 13.27 8.35
CA VAL A 700 -45.71 12.36 7.33
C VAL A 700 -46.82 11.94 6.37
N TYR A 701 -46.76 12.34 5.10
CA TYR A 701 -47.59 11.78 4.03
C TYR A 701 -46.91 11.91 2.67
N GLY A 702 -47.27 11.05 1.73
CA GLY A 702 -46.71 11.04 0.39
C GLY A 702 -47.28 12.14 -0.49
N ARG A 703 -46.49 12.59 -1.46
CA ARG A 703 -46.84 13.52 -2.54
C ARG A 703 -46.08 13.15 -3.82
N ARG A 704 -46.71 13.23 -4.99
CA ARG A 704 -46.02 13.06 -6.29
C ARG A 704 -45.43 14.38 -6.74
N LEU A 705 -44.11 14.51 -6.64
CA LEU A 705 -43.37 15.73 -6.98
C LEU A 705 -42.82 15.63 -8.42
N PRO A 706 -43.12 16.57 -9.32
CA PRO A 706 -42.38 16.73 -10.57
C PRO A 706 -40.88 16.89 -10.34
N VAL A 707 -40.05 16.17 -11.09
CA VAL A 707 -38.58 16.17 -10.95
C VAL A 707 -37.88 16.25 -12.31
N ARG A 708 -36.70 16.88 -12.34
CA ARG A 708 -35.75 16.87 -13.47
C ARG A 708 -34.30 16.87 -13.00
N MET A 709 -33.35 16.46 -13.85
CA MET A 709 -31.92 16.47 -13.50
C MET A 709 -31.36 17.90 -13.43
N SER A 710 -30.48 18.20 -12.47
CA SER A 710 -29.72 19.45 -12.44
C SER A 710 -28.39 19.37 -13.20
N LYS A 711 -27.82 18.17 -13.35
CA LYS A 711 -26.61 17.87 -14.12
C LYS A 711 -26.80 16.56 -14.90
N VAL A 712 -26.48 16.57 -16.19
CA VAL A 712 -26.74 15.44 -17.10
C VAL A 712 -25.51 14.58 -17.40
N LEU A 713 -24.27 15.10 -17.30
CA LEU A 713 -23.04 14.40 -17.67
C LEU A 713 -22.23 13.90 -16.47
N MET A 714 -21.77 12.66 -16.55
CA MET A 714 -20.97 11.96 -15.54
C MET A 714 -19.70 11.38 -16.17
N LEU A 715 -18.55 11.45 -15.49
CA LEU A 715 -17.26 10.92 -15.94
C LEU A 715 -16.82 9.78 -15.02
N CYS A 716 -17.18 8.55 -15.38
CA CYS A 716 -16.92 7.34 -14.61
C CYS A 716 -15.45 6.89 -14.78
N PRO A 717 -14.59 6.97 -13.74
CA PRO A 717 -13.21 6.52 -13.85
C PRO A 717 -13.14 4.98 -13.85
N ARG A 718 -12.17 4.41 -14.56
CA ARG A 718 -11.98 2.96 -14.64
C ARG A 718 -10.66 2.52 -13.99
N ASN A 719 -9.52 2.65 -14.67
CA ASN A 719 -8.22 2.18 -14.18
C ASN A 719 -7.07 3.15 -14.47
N ILE A 720 -6.01 3.04 -13.70
CA ILE A 720 -4.66 3.52 -14.02
C ILE A 720 -3.77 2.31 -14.34
N LYS A 721 -3.02 2.34 -15.44
CA LYS A 721 -2.22 1.21 -15.94
C LYS A 721 -0.72 1.40 -15.68
N ILE A 722 -0.09 0.45 -15.00
CA ILE A 722 1.36 0.45 -14.69
C ILE A 722 2.06 -0.62 -15.56
N LYS A 723 3.13 -0.26 -16.28
CA LYS A 723 3.81 -1.11 -17.28
C LYS A 723 5.29 -1.36 -16.93
N ASN A 724 5.84 -2.51 -17.33
CA ASN A 724 7.26 -2.82 -17.16
C ASN A 724 7.80 -3.75 -18.28
N ARG A 725 8.79 -3.29 -19.05
CA ARG A 725 9.36 -3.99 -20.21
C ARG A 725 10.09 -5.28 -19.81
N VAL A 726 9.92 -6.36 -20.56
CA VAL A 726 10.45 -7.69 -20.22
C VAL A 726 11.82 -7.97 -20.84
N VAL A 727 11.99 -7.76 -22.15
CA VAL A 727 13.14 -8.20 -22.93
C VAL A 727 14.07 -7.04 -23.29
N PHE A 728 15.36 -7.20 -23.03
CA PHE A 728 16.43 -6.29 -23.45
C PHE A 728 17.04 -6.70 -24.81
N THR A 729 17.06 -5.77 -25.77
CA THR A 729 17.41 -6.05 -27.17
C THR A 729 18.89 -5.89 -27.52
N GLY A 730 19.74 -5.42 -26.60
CA GLY A 730 21.17 -5.20 -26.82
C GLY A 730 21.53 -3.83 -27.40
N GLU A 731 20.59 -3.17 -28.07
CA GLU A 731 20.82 -1.95 -28.86
C GLU A 731 21.36 -0.78 -28.02
N ASN A 732 20.87 -0.58 -26.80
CA ASN A 732 21.50 0.33 -25.85
C ASN A 732 22.78 -0.31 -25.24
N ALA A 733 23.92 -0.15 -25.93
CA ALA A 733 25.19 -0.77 -25.57
C ALA A 733 25.77 -0.29 -24.22
N ALA A 734 25.28 0.81 -23.65
CA ALA A 734 25.69 1.28 -22.32
C ALA A 734 25.21 0.39 -21.17
N LEU A 735 24.12 -0.37 -21.36
CA LEU A 735 23.43 -1.09 -20.29
C LEU A 735 23.78 -2.59 -20.19
N GLN A 736 24.36 -3.16 -21.24
CA GLN A 736 24.55 -4.61 -21.42
C GLN A 736 25.11 -5.37 -20.22
N ASN A 737 26.08 -4.82 -19.49
CA ASN A 737 26.72 -5.51 -18.37
C ASN A 737 25.77 -5.82 -17.20
N SER A 738 24.66 -5.11 -17.10
CA SER A 738 23.61 -5.43 -16.12
C SER A 738 22.75 -6.64 -16.55
N PHE A 739 22.74 -7.02 -17.83
CA PHE A 739 21.88 -8.04 -18.42
C PHE A 739 22.60 -9.27 -19.01
N ILE A 740 23.89 -9.23 -19.29
CA ILE A 740 24.59 -10.28 -20.06
C ILE A 740 24.57 -11.66 -19.36
N LYS A 741 24.19 -12.70 -20.12
CA LYS A 741 24.21 -14.12 -19.71
C LYS A 741 25.61 -14.71 -19.90
N SER A 742 26.28 -15.04 -18.81
CA SER A 742 27.48 -15.88 -18.82
C SER A 742 27.20 -17.32 -19.27
N THR A 743 28.22 -18.05 -19.73
CA THR A 743 28.07 -19.43 -20.23
C THR A 743 29.09 -20.43 -19.63
N THR A 744 30.05 -19.95 -18.83
CA THR A 744 31.13 -20.78 -18.27
C THR A 744 30.71 -21.61 -17.05
N ARG A 745 31.26 -22.81 -16.93
CA ARG A 745 30.98 -23.74 -15.84
C ARG A 745 31.43 -23.18 -14.49
N ARG A 746 30.50 -22.92 -13.57
CA ARG A 746 30.75 -22.47 -12.19
C ARG A 746 30.76 -23.63 -11.20
N GLU A 747 31.34 -23.42 -10.02
CA GLU A 747 31.25 -24.39 -8.91
C GLU A 747 29.87 -24.35 -8.20
N ASN A 748 29.17 -23.22 -8.18
CA ASN A 748 27.88 -23.09 -7.50
C ASN A 748 26.68 -23.69 -8.28
N TYR A 749 26.93 -24.39 -9.38
CA TYR A 749 25.88 -24.84 -10.30
C TYR A 749 24.82 -25.78 -9.71
N ILE A 750 25.14 -26.63 -8.72
CA ILE A 750 24.11 -27.42 -8.01
C ILE A 750 23.42 -26.55 -6.96
N ILE A 751 24.18 -25.83 -6.11
CA ILE A 751 23.62 -25.07 -4.97
C ILE A 751 22.83 -23.82 -5.37
N ASN A 752 23.03 -23.29 -6.57
CA ASN A 752 22.22 -22.23 -7.19
C ASN A 752 21.47 -22.73 -8.45
N GLY A 753 21.40 -24.05 -8.64
CA GLY A 753 20.65 -24.70 -9.71
C GLY A 753 19.17 -24.92 -9.36
N PRO A 754 18.42 -25.63 -10.20
CA PRO A 754 16.96 -25.73 -10.05
C PRO A 754 16.49 -26.71 -8.96
N TYR A 755 17.32 -27.65 -8.50
CA TYR A 755 16.92 -28.72 -7.58
C TYR A 755 17.20 -28.43 -6.10
N MET A 756 18.08 -27.49 -5.74
CA MET A 756 18.59 -27.38 -4.36
C MET A 756 17.51 -27.26 -3.27
N LYS A 757 16.48 -26.43 -3.46
CA LYS A 757 15.34 -26.30 -2.52
C LYS A 757 14.54 -27.60 -2.36
N PHE A 758 14.34 -28.37 -3.43
CA PHE A 758 13.70 -29.68 -3.36
C PHE A 758 14.58 -30.72 -2.65
N LEU A 759 15.90 -30.71 -2.93
CA LEU A 759 16.86 -31.59 -2.27
C LEU A 759 16.92 -31.32 -0.75
N ASN A 760 16.70 -30.10 -0.31
CA ASN A 760 16.60 -29.75 1.09
C ASN A 760 15.24 -30.17 1.72
N THR A 761 14.11 -29.90 1.08
CA THR A 761 12.78 -30.34 1.56
C THR A 761 12.71 -31.84 1.80
N TYR A 762 13.27 -32.65 0.90
CA TYR A 762 13.25 -34.10 0.99
C TYR A 762 14.51 -34.70 1.61
N HIS A 763 15.39 -33.91 2.24
CA HIS A 763 16.69 -34.43 2.73
C HIS A 763 16.57 -35.62 3.67
N LYS A 764 15.64 -35.61 4.62
CA LYS A 764 15.48 -36.70 5.60
C LYS A 764 14.80 -37.93 5.03
N THR A 765 13.93 -37.81 4.02
CA THR A 765 13.48 -39.01 3.27
C THR A 765 14.62 -39.59 2.42
N LEU A 766 15.47 -38.75 1.81
CA LEU A 766 16.61 -39.21 0.99
C LEU A 766 17.82 -39.76 1.75
N PHE A 767 18.24 -39.18 2.87
CA PHE A 767 19.38 -39.64 3.66
C PHE A 767 18.96 -39.77 5.14
N PRO A 768 18.30 -40.88 5.52
CA PRO A 768 17.57 -40.99 6.78
C PRO A 768 18.35 -40.65 8.06
N ASP A 769 19.64 -41.00 8.14
CA ASP A 769 20.39 -41.04 9.39
C ASP A 769 21.79 -40.40 9.29
N THR A 770 21.97 -39.44 8.38
CA THR A 770 23.19 -38.63 8.27
C THR A 770 23.16 -37.41 9.18
N LYS A 771 24.33 -36.95 9.61
CA LYS A 771 24.53 -35.69 10.33
C LYS A 771 24.74 -34.48 9.41
N LEU A 772 25.05 -34.71 8.13
CA LEU A 772 25.39 -33.65 7.19
C LEU A 772 24.19 -32.77 6.82
N SER A 773 24.41 -31.47 6.67
CA SER A 773 23.46 -30.59 6.02
C SER A 773 23.36 -30.87 4.52
N SER A 774 22.20 -30.56 3.93
CA SER A 774 21.99 -30.70 2.50
C SER A 774 22.94 -29.80 1.68
N LEU A 775 23.18 -28.56 2.12
CA LEU A 775 24.14 -27.67 1.47
C LEU A 775 25.55 -28.27 1.45
N TYR A 776 26.04 -28.82 2.57
CA TYR A 776 27.36 -29.44 2.58
C TYR A 776 27.44 -30.75 1.78
N LEU A 777 26.45 -31.64 1.89
CA LEU A 777 26.44 -32.90 1.12
C LEU A 777 26.62 -32.63 -0.39
N TRP A 778 25.79 -31.76 -0.96
CA TRP A 778 25.78 -31.43 -2.38
C TRP A 778 26.95 -30.56 -2.83
N HIS A 779 27.43 -29.63 -2.01
CA HIS A 779 28.69 -28.94 -2.28
C HIS A 779 29.89 -29.89 -2.28
N ASN A 780 29.91 -30.92 -1.43
CA ASN A 780 30.92 -31.97 -1.46
C ASN A 780 30.85 -32.80 -2.75
N PHE A 781 29.66 -33.22 -3.21
CA PHE A 781 29.53 -33.87 -4.51
C PHE A 781 30.01 -32.98 -5.66
N SER A 782 29.69 -31.68 -5.63
CA SER A 782 30.11 -30.70 -6.64
C SER A 782 31.63 -30.68 -6.81
N ARG A 783 32.39 -30.64 -5.71
CA ARG A 783 33.85 -30.52 -5.73
C ARG A 783 34.60 -31.84 -5.78
N ARG A 784 34.09 -32.88 -5.12
CA ARG A 784 34.78 -34.15 -4.87
C ARG A 784 34.11 -35.37 -5.47
N ARG A 785 32.96 -35.22 -6.15
CA ARG A 785 32.29 -36.31 -6.89
C ARG A 785 32.02 -37.55 -6.02
N SER A 786 31.71 -37.35 -4.74
CA SER A 786 31.38 -38.43 -3.81
C SER A 786 30.05 -38.16 -3.12
N VAL A 787 29.28 -39.23 -2.88
CA VAL A 787 27.94 -39.15 -2.28
C VAL A 787 27.77 -40.27 -1.26
N PRO A 788 27.19 -40.03 -0.07
CA PRO A 788 27.02 -41.07 0.94
C PRO A 788 25.88 -42.02 0.56
N VAL A 789 26.01 -43.31 0.88
CA VAL A 789 24.99 -44.33 0.57
C VAL A 789 24.36 -44.82 1.87
N PRO A 790 23.08 -44.51 2.15
CA PRO A 790 22.39 -44.90 3.39
C PRO A 790 22.45 -46.40 3.72
N SER A 791 22.52 -46.73 5.01
CA SER A 791 23.03 -48.03 5.46
C SER A 791 22.28 -49.26 4.91
N GLY A 792 20.95 -49.22 4.82
CA GLY A 792 20.12 -50.29 4.24
C GLY A 792 19.84 -50.17 2.73
N ALA A 793 20.26 -49.09 2.09
CA ALA A 793 19.96 -48.80 0.68
C ALA A 793 20.98 -49.44 -0.27
N SER A 794 20.93 -49.08 -1.56
CA SER A 794 21.72 -49.71 -2.63
C SER A 794 22.45 -48.71 -3.53
N ALA A 795 23.70 -49.02 -3.92
CA ALA A 795 24.62 -48.01 -4.44
C ALA A 795 24.20 -47.48 -5.81
N GLU A 796 23.69 -48.36 -6.67
CA GLU A 796 23.12 -48.07 -7.98
C GLU A 796 22.06 -46.96 -7.89
N GLU A 797 21.10 -47.13 -7.02
CA GLU A 797 20.02 -46.17 -6.83
C GLU A 797 20.53 -44.76 -6.41
N TYR A 798 21.62 -44.66 -5.65
CA TYR A 798 22.17 -43.37 -5.21
C TYR A 798 23.07 -42.72 -6.26
N SER A 799 23.91 -43.50 -6.93
CA SER A 799 24.63 -43.03 -8.12
C SER A 799 23.68 -42.54 -9.21
N ASP A 800 22.55 -43.19 -9.49
CA ASP A 800 21.54 -42.63 -10.38
C ASP A 800 20.98 -41.28 -9.88
N LEU A 801 20.66 -41.12 -8.59
CA LEU A 801 20.26 -39.83 -8.03
C LEU A 801 21.32 -38.75 -8.25
N ALA A 802 22.59 -39.03 -8.00
CA ALA A 802 23.66 -38.06 -8.18
C ALA A 802 23.80 -37.62 -9.64
N LEU A 803 23.79 -38.55 -10.59
CA LEU A 803 23.87 -38.23 -12.00
C LEU A 803 22.63 -37.49 -12.50
N PHE A 804 21.44 -37.76 -11.98
CA PHE A 804 20.28 -36.96 -12.33
C PHE A 804 20.44 -35.49 -11.93
N VAL A 805 20.93 -35.22 -10.72
CA VAL A 805 21.11 -33.84 -10.24
C VAL A 805 22.19 -33.10 -11.02
N ASP A 806 23.33 -33.74 -11.29
CA ASP A 806 24.45 -33.15 -12.04
C ASP A 806 24.06 -32.72 -13.46
N GLY A 807 23.63 -33.68 -14.31
CA GLY A 807 23.32 -33.40 -15.72
C GLY A 807 22.23 -32.35 -15.89
N GLY A 808 21.14 -32.47 -15.13
CA GLY A 808 20.10 -31.45 -15.09
C GLY A 808 20.59 -30.06 -14.65
N SER A 809 21.54 -29.97 -13.73
CA SER A 809 22.06 -28.68 -13.24
C SER A 809 22.97 -27.99 -14.25
N ARG A 810 23.80 -28.71 -15.01
CA ARG A 810 24.57 -28.17 -16.14
C ARG A 810 23.68 -27.74 -17.31
N ALA A 811 22.68 -28.52 -17.69
CA ALA A 811 21.75 -28.10 -18.75
C ALA A 811 20.98 -26.82 -18.39
N HIS A 812 20.64 -26.61 -17.11
CA HIS A 812 20.07 -25.35 -16.63
C HIS A 812 21.08 -24.21 -16.69
N GLU A 813 22.32 -24.40 -16.27
CA GLU A 813 23.40 -23.40 -16.32
C GLU A 813 23.62 -22.86 -17.75
N GLU A 814 23.71 -23.74 -18.73
CA GLU A 814 23.92 -23.41 -20.14
C GLU A 814 22.71 -22.72 -20.80
N SER A 815 21.47 -23.08 -20.45
CA SER A 815 20.26 -22.58 -21.11
C SER A 815 19.45 -21.49 -20.38
N ASN A 816 19.49 -21.35 -19.07
CA ASN A 816 18.55 -20.52 -18.31
C ASN A 816 18.72 -18.99 -18.48
N VAL A 817 17.64 -18.26 -18.79
CA VAL A 817 17.61 -16.78 -18.84
C VAL A 817 16.65 -16.14 -17.83
N ILE A 818 16.11 -16.92 -16.91
CA ILE A 818 15.21 -16.48 -15.84
C ILE A 818 15.90 -16.62 -14.49
N ASP A 819 16.29 -15.52 -13.85
CA ASP A 819 17.16 -15.48 -12.66
C ASP A 819 16.45 -15.84 -11.34
N VAL A 820 15.87 -17.04 -11.27
CA VAL A 820 15.04 -17.55 -10.18
C VAL A 820 15.50 -18.95 -9.76
N VAL A 821 15.51 -19.23 -8.46
CA VAL A 821 15.61 -20.61 -7.94
C VAL A 821 14.21 -21.04 -7.49
N PRO A 822 13.56 -22.03 -8.12
CA PRO A 822 12.14 -22.31 -7.91
C PRO A 822 11.85 -23.01 -6.58
N GLY A 823 10.88 -22.52 -5.81
CA GLY A 823 10.48 -23.08 -4.51
C GLY A 823 9.31 -24.08 -4.50
N ASN A 824 8.66 -24.31 -5.65
CA ASN A 824 7.58 -25.29 -5.80
C ASN A 824 7.51 -25.83 -7.22
N LEU A 825 6.93 -27.02 -7.41
CA LEU A 825 6.93 -27.70 -8.70
C LEU A 825 6.19 -26.92 -9.79
N VAL A 826 5.18 -26.10 -9.47
CA VAL A 826 4.54 -25.21 -10.46
C VAL A 826 5.53 -24.16 -10.97
N THR A 827 6.26 -23.48 -10.10
CA THR A 827 7.29 -22.51 -10.51
C THR A 827 8.42 -23.17 -11.29
N TYR A 828 8.85 -24.38 -10.91
CA TYR A 828 9.79 -25.15 -11.69
C TYR A 828 9.30 -25.42 -13.12
N ALA A 829 8.05 -25.84 -13.29
CA ALA A 829 7.47 -26.13 -14.60
C ALA A 829 7.30 -24.88 -15.46
N LYS A 830 6.82 -23.77 -14.88
CA LYS A 830 6.70 -22.48 -15.58
C LYS A 830 8.04 -21.88 -16.01
N GLN A 831 9.09 -21.97 -15.19
CA GLN A 831 10.45 -21.61 -15.60
C GLN A 831 10.94 -22.44 -16.79
N ARG A 832 10.74 -23.76 -16.80
CA ARG A 832 11.11 -24.65 -17.91
C ARG A 832 10.34 -24.30 -19.19
N LEU A 833 9.03 -24.06 -19.10
CA LEU A 833 8.19 -23.65 -20.24
C LEU A 833 8.68 -22.35 -20.89
N ASN A 834 8.87 -21.30 -20.11
CA ASN A 834 9.25 -19.98 -20.64
C ASN A 834 10.70 -19.94 -21.16
N ASN A 835 11.66 -20.66 -20.57
CA ASN A 835 12.97 -20.85 -21.18
C ASN A 835 12.87 -21.50 -22.57
N ALA A 836 11.94 -22.44 -22.83
CA ALA A 836 11.80 -23.07 -24.13
C ALA A 836 11.21 -22.13 -25.21
N ILE A 837 10.32 -21.21 -24.84
CA ILE A 837 9.76 -20.19 -25.75
C ILE A 837 10.83 -19.18 -26.16
N LEU A 838 11.57 -18.63 -25.19
CA LEU A 838 12.66 -17.69 -25.44
C LEU A 838 13.76 -18.29 -26.32
N LYS A 839 14.10 -19.57 -26.18
CA LYS A 839 15.05 -20.26 -27.06
C LYS A 839 14.56 -20.40 -28.50
N ALA A 840 13.29 -20.71 -28.73
CA ALA A 840 12.70 -20.65 -30.08
C ALA A 840 12.77 -19.24 -30.72
N CYS A 841 12.61 -18.17 -29.94
CA CYS A 841 12.74 -16.78 -30.44
C CYS A 841 14.19 -16.30 -30.69
N GLY A 842 15.20 -17.03 -30.27
CA GLY A 842 16.59 -16.59 -30.30
C GLY A 842 16.99 -15.63 -29.18
N GLN A 843 16.15 -15.41 -28.16
CA GLN A 843 16.40 -14.47 -27.05
C GLN A 843 17.20 -15.10 -25.89
N THR A 844 18.43 -15.52 -26.14
CA THR A 844 19.25 -16.32 -25.20
C THR A 844 20.59 -15.69 -24.79
N GLN A 845 20.83 -14.42 -25.09
CA GLN A 845 22.07 -13.69 -24.77
C GLN A 845 21.97 -12.83 -23.50
N PHE A 846 20.76 -12.46 -23.08
CA PHE A 846 20.49 -11.63 -21.90
C PHE A 846 19.51 -12.29 -20.93
N TYR A 847 19.60 -11.99 -19.64
CA TYR A 847 18.50 -12.22 -18.70
C TYR A 847 17.30 -11.33 -19.02
N ILE A 848 16.08 -11.80 -18.80
CA ILE A 848 14.87 -10.97 -18.84
C ILE A 848 14.68 -10.19 -17.53
N SER A 849 13.90 -9.13 -17.54
CA SER A 849 13.43 -8.43 -16.33
C SER A 849 12.44 -9.27 -15.51
N LEU A 850 12.53 -9.17 -14.18
CA LEU A 850 11.67 -9.83 -13.20
C LEU A 850 10.92 -8.82 -12.32
N ILE A 851 9.70 -9.15 -11.90
CA ILE A 851 9.01 -8.48 -10.78
C ILE A 851 8.80 -9.48 -9.65
N GLN A 852 9.20 -9.14 -8.43
CA GLN A 852 8.97 -9.95 -7.23
C GLN A 852 7.99 -9.29 -6.25
N GLY A 853 7.09 -10.08 -5.69
CA GLY A 853 6.15 -9.64 -4.67
C GLY A 853 6.73 -9.76 -3.27
N LEU A 854 6.70 -8.69 -2.49
CA LEU A 854 6.96 -8.73 -1.05
C LEU A 854 5.63 -8.90 -0.32
N VAL A 855 5.43 -10.05 0.30
CA VAL A 855 4.17 -10.45 0.94
C VAL A 855 4.31 -10.45 2.47
N PRO A 856 3.46 -9.74 3.24
CA PRO A 856 3.51 -9.71 4.71
C PRO A 856 3.34 -11.07 5.39
N ARG A 857 4.07 -11.30 6.48
CA ARG A 857 3.96 -12.45 7.38
C ARG A 857 3.89 -11.99 8.83
N THR A 858 2.95 -12.53 9.59
CA THR A 858 2.68 -12.13 10.97
C THR A 858 3.30 -13.13 11.92
N GLN A 859 4.06 -12.67 12.92
CA GLN A 859 4.77 -13.51 13.88
C GLN A 859 4.59 -12.97 15.32
N SER A 860 4.38 -13.86 16.29
CA SER A 860 4.31 -13.53 17.72
C SER A 860 5.67 -13.72 18.39
N VAL A 861 6.14 -12.70 19.09
CA VAL A 861 7.52 -12.62 19.63
C VAL A 861 7.53 -12.15 21.08
N PRO A 862 8.61 -12.41 21.85
CA PRO A 862 8.74 -11.94 23.24
C PRO A 862 8.71 -10.42 23.35
N ALA A 863 7.93 -9.88 24.29
CA ALA A 863 7.60 -8.46 24.35
C ALA A 863 8.74 -7.51 24.75
N ARG A 864 9.92 -7.95 25.21
CA ARG A 864 11.00 -7.10 25.77
C ARG A 864 11.36 -5.86 24.94
N ASP A 865 11.41 -5.96 23.63
CA ASP A 865 11.72 -4.86 22.71
C ASP A 865 10.48 -4.23 22.05
N TYR A 866 9.30 -4.37 22.65
CA TYR A 866 8.00 -3.87 22.18
C TYR A 866 7.21 -3.27 23.36
N PRO A 867 7.64 -2.13 23.92
CA PRO A 867 7.13 -1.64 25.19
C PRO A 867 5.65 -1.26 25.18
N HIS A 868 5.02 -1.03 24.03
CA HIS A 868 3.62 -0.64 23.94
C HIS A 868 2.62 -1.65 24.54
N VAL A 869 2.99 -2.91 24.74
CA VAL A 869 2.12 -3.93 25.37
C VAL A 869 1.81 -3.65 26.85
N LEU A 870 2.60 -2.83 27.53
CA LEU A 870 2.40 -2.44 28.93
C LEU A 870 1.26 -1.43 29.13
N GLY A 871 0.79 -0.74 28.09
CA GLY A 871 -0.24 0.30 28.19
C GLY A 871 0.22 1.57 28.92
N THR A 872 -0.70 2.35 29.47
CA THR A 872 -0.46 3.66 30.14
C THR A 872 0.12 3.57 31.55
N ARG A 873 0.51 2.36 31.98
CA ARG A 873 1.15 1.98 33.24
C ARG A 873 2.45 2.75 33.54
N ALA A 874 2.72 3.02 34.82
CA ALA A 874 4.02 3.54 35.27
C ALA A 874 5.12 2.46 35.31
N VAL A 875 6.37 2.86 35.05
CA VAL A 875 7.56 2.00 35.14
C VAL A 875 8.58 2.64 36.08
N GLU A 876 8.89 1.98 37.19
CA GLU A 876 9.76 2.52 38.25
C GLU A 876 11.25 2.18 38.10
N SER A 877 11.60 1.11 37.38
CA SER A 877 12.99 0.69 37.15
C SER A 877 13.14 -0.24 35.94
N ALA A 878 14.36 -0.41 35.44
CA ALA A 878 14.68 -1.36 34.39
C ALA A 878 14.44 -2.83 34.82
N ALA A 879 14.61 -3.12 36.11
CA ALA A 879 14.26 -4.39 36.71
C ALA A 879 12.74 -4.67 36.67
N ALA A 880 11.90 -3.70 37.03
CA ALA A 880 10.44 -3.84 36.95
C ALA A 880 9.94 -3.97 35.50
N TYR A 881 10.58 -3.30 34.53
CA TYR A 881 10.25 -3.46 33.11
C TYR A 881 10.51 -4.88 32.61
N ALA A 882 11.68 -5.45 32.95
CA ALA A 882 12.04 -6.81 32.58
C ALA A 882 11.06 -7.83 33.18
N GLU A 883 10.71 -7.67 34.46
CA GLU A 883 9.76 -8.56 35.14
C GLU A 883 8.37 -8.49 34.52
N ALA A 884 7.85 -7.28 34.30
CA ALA A 884 6.54 -7.03 33.71
C ALA A 884 6.39 -7.53 32.27
N THR A 885 7.46 -7.51 31.47
CA THR A 885 7.47 -8.01 30.09
C THR A 885 7.82 -9.50 29.97
N SER A 886 8.30 -10.18 31.03
CA SER A 886 8.83 -11.56 30.96
C SER A 886 7.84 -12.61 30.43
N SER A 887 6.55 -12.51 30.75
CA SER A 887 5.50 -13.45 30.31
C SER A 887 4.71 -12.99 29.08
N LEU A 888 4.92 -11.77 28.58
CA LEU A 888 4.10 -11.17 27.51
C LEU A 888 4.67 -11.38 26.11
N THR A 889 3.81 -11.29 25.11
CA THR A 889 4.20 -11.33 23.68
C THR A 889 3.57 -10.21 22.86
N ALA A 890 4.22 -9.84 21.77
CA ALA A 890 3.78 -8.83 20.81
C ALA A 890 3.65 -9.44 19.41
N THR A 891 2.67 -8.99 18.64
CA THR A 891 2.56 -9.27 17.20
C THR A 891 3.47 -8.31 16.43
N THR A 892 4.30 -8.81 15.53
CA THR A 892 5.13 -8.01 14.60
C THR A 892 4.97 -8.55 13.18
N VAL A 893 5.31 -7.74 12.18
CA VAL A 893 5.19 -8.09 10.75
C VAL A 893 6.52 -7.93 10.02
N VAL A 894 6.82 -8.88 9.14
CA VAL A 894 7.98 -8.87 8.22
C VAL A 894 7.50 -9.28 6.82
N CYS A 895 8.20 -8.88 5.76
CA CYS A 895 7.85 -9.25 4.39
C CYS A 895 8.73 -10.38 3.85
N ALA A 896 8.14 -11.37 3.19
CA ALA A 896 8.84 -12.45 2.49
C ALA A 896 8.76 -12.25 0.97
N ALA A 897 9.87 -12.43 0.26
CA ALA A 897 9.90 -12.40 -1.19
C ALA A 897 9.27 -13.64 -1.80
N THR A 898 8.40 -13.44 -2.79
CA THR A 898 7.79 -14.51 -3.58
C THR A 898 8.38 -14.53 -4.99
N ASP A 899 8.71 -15.73 -5.47
CA ASP A 899 9.22 -16.02 -6.82
C ASP A 899 8.14 -15.90 -7.92
N CYS A 900 6.87 -15.74 -7.55
CA CYS A 900 5.70 -16.00 -8.40
C CYS A 900 4.58 -14.97 -8.19
N LEU A 901 4.76 -13.73 -8.71
CA LEU A 901 3.76 -12.66 -8.58
C LEU A 901 2.38 -13.01 -9.20
N SER A 902 2.34 -13.89 -10.20
CA SER A 902 1.10 -14.30 -10.88
C SER A 902 0.04 -14.93 -9.94
N GLN A 903 0.42 -15.84 -9.04
CA GLN A 903 -0.56 -16.42 -8.09
C GLN A 903 -1.05 -15.39 -7.07
N VAL A 904 -0.20 -14.47 -6.63
CA VAL A 904 -0.60 -13.35 -5.75
C VAL A 904 -1.60 -12.42 -6.45
N CYS A 905 -1.40 -12.09 -7.73
CA CYS A 905 -2.33 -11.24 -8.49
C CYS A 905 -3.73 -11.88 -8.67
N LYS A 906 -3.85 -13.20 -8.74
CA LYS A 906 -5.16 -13.90 -8.74
C LYS A 906 -5.95 -13.74 -7.44
N ALA A 907 -5.30 -13.45 -6.32
CA ALA A 907 -5.92 -13.23 -5.01
C ALA A 907 -6.39 -11.77 -4.75
N ARG A 908 -6.46 -10.94 -5.81
CA ARG A 908 -6.96 -9.55 -5.83
C ARG A 908 -6.29 -8.61 -4.80
N PRO A 909 -4.97 -8.44 -4.84
CA PRO A 909 -4.22 -7.83 -3.74
C PRO A 909 -4.37 -6.31 -3.59
N VAL A 910 -4.18 -5.82 -2.36
CA VAL A 910 -3.80 -4.43 -2.06
C VAL A 910 -2.32 -4.27 -2.43
N VAL A 911 -1.95 -3.25 -3.20
CA VAL A 911 -0.57 -3.04 -3.68
C VAL A 911 0.03 -1.70 -3.27
N THR A 912 1.34 -1.65 -3.07
CA THR A 912 2.14 -0.42 -2.99
C THR A 912 3.32 -0.51 -3.96
N LEU A 913 3.49 0.48 -4.83
CA LEU A 913 4.52 0.47 -5.87
C LEU A 913 5.02 1.88 -6.25
N PRO A 914 6.25 2.03 -6.77
CA PRO A 914 6.77 3.29 -7.30
C PRO A 914 6.45 3.49 -8.79
N VAL A 915 6.04 4.69 -9.22
CA VAL A 915 5.72 5.01 -10.63
C VAL A 915 6.36 6.33 -11.11
N THR A 916 6.82 6.38 -12.36
CA THR A 916 7.14 7.60 -13.12
C THR A 916 6.24 7.66 -14.35
N ILE A 917 5.52 8.75 -14.63
CA ILE A 917 4.79 8.88 -15.90
C ILE A 917 5.69 9.53 -16.96
N ASN A 918 6.16 8.72 -17.90
CA ASN A 918 6.93 9.15 -19.06
C ASN A 918 6.02 9.51 -20.22
N LYS A 919 6.38 10.52 -21.03
CA LYS A 919 5.59 10.98 -22.18
C LYS A 919 6.41 11.03 -23.46
N TYR A 920 5.80 10.72 -24.60
CA TYR A 920 6.47 10.54 -25.90
C TYR A 920 5.53 10.84 -27.08
N THR A 921 6.11 11.21 -28.23
CA THR A 921 5.34 11.38 -29.47
C THR A 921 4.89 10.02 -30.03
N GLY A 922 3.78 9.98 -30.75
CA GLY A 922 3.37 8.79 -31.51
C GLY A 922 4.30 8.45 -32.67
N VAL A 923 4.16 7.25 -33.23
CA VAL A 923 4.94 6.78 -34.41
C VAL A 923 4.38 7.25 -35.76
N ASN A 924 5.17 7.09 -36.83
CA ASN A 924 4.76 7.27 -38.23
C ASN A 924 4.27 8.70 -38.57
N GLY A 925 4.76 9.72 -37.87
CA GLY A 925 4.33 11.11 -38.03
C GLY A 925 3.07 11.51 -37.26
N ASN A 926 2.54 10.65 -36.36
CA ASN A 926 1.51 11.05 -35.40
C ASN A 926 2.11 12.01 -34.35
N ASN A 927 1.83 13.31 -34.44
CA ASN A 927 2.42 14.35 -33.58
C ASN A 927 1.90 14.35 -32.12
N GLN A 928 0.91 13.53 -31.78
CA GLN A 928 0.22 13.55 -30.49
C GLN A 928 1.08 13.01 -29.33
N ILE A 929 0.77 13.44 -28.12
CA ILE A 929 1.47 13.08 -26.88
C ILE A 929 0.80 11.84 -26.26
N PHE A 930 1.56 10.77 -26.06
CA PHE A 930 1.15 9.52 -25.41
C PHE A 930 1.93 9.32 -24.10
N GLN A 931 1.34 8.60 -23.14
CA GLN A 931 1.95 8.39 -21.81
C GLN A 931 2.10 6.92 -21.44
N ALA A 932 3.15 6.57 -20.69
CA ALA A 932 3.27 5.31 -19.97
C ALA A 932 3.62 5.54 -18.50
N GLY A 933 2.93 4.85 -17.59
CA GLY A 933 3.26 4.78 -16.18
C GLY A 933 4.23 3.63 -15.93
N ASN A 934 5.53 3.91 -15.93
CA ASN A 934 6.55 2.88 -15.73
C ASN A 934 6.84 2.61 -14.28
N LEU A 935 6.92 1.33 -13.93
CA LEU A 935 7.30 0.85 -12.61
C LEU A 935 8.74 1.27 -12.27
N GLY A 936 8.96 1.93 -11.13
CA GLY A 936 10.26 2.45 -10.69
C GLY A 936 10.82 1.76 -9.44
N TYR A 937 11.63 2.48 -8.67
CA TYR A 937 12.34 2.00 -7.48
C TYR A 937 11.93 2.76 -6.19
N PHE A 938 12.01 2.09 -5.05
CA PHE A 938 11.89 2.68 -3.71
C PHE A 938 13.18 3.39 -3.29
N MET A 939 13.07 4.57 -2.67
CA MET A 939 14.18 5.30 -2.06
C MET A 939 14.06 5.30 -0.52
N GLY A 940 15.17 5.24 0.19
CA GLY A 940 15.26 5.26 1.66
C GLY A 940 15.56 3.88 2.24
N ARG A 941 16.67 3.74 2.97
CA ARG A 941 17.17 2.44 3.46
C ARG A 941 16.27 1.77 4.50
N GLY A 942 15.41 2.51 5.19
CA GLY A 942 14.48 1.97 6.19
C GLY A 942 13.24 1.26 5.65
N VAL A 943 12.95 1.29 4.34
CA VAL A 943 11.70 0.76 3.76
C VAL A 943 11.50 -0.74 4.02
N ASP A 944 12.41 -1.60 3.61
CA ASP A 944 12.43 -3.04 3.93
C ASP A 944 13.82 -3.65 3.70
N ARG A 945 14.26 -4.53 4.60
CA ARG A 945 15.58 -5.17 4.53
C ARG A 945 15.84 -5.98 3.25
N ASN A 946 14.81 -6.49 2.59
CA ASN A 946 14.93 -7.22 1.31
C ASN A 946 15.41 -6.34 0.14
N LEU A 947 15.24 -5.02 0.20
CA LEU A 947 15.68 -4.09 -0.83
C LEU A 947 17.16 -3.71 -0.72
N LEU A 948 17.82 -4.00 0.41
CA LEU A 948 19.17 -3.53 0.70
C LEU A 948 20.24 -4.22 -0.15
N GLN A 949 21.24 -3.46 -0.59
CA GLN A 949 22.45 -3.94 -1.26
C GLN A 949 23.69 -3.79 -0.37
N GLY A 961 21.03 0.73 -11.53
CA GLY A 961 21.18 1.04 -10.11
C GLY A 961 21.23 -0.22 -9.24
N SER A 962 20.39 -0.30 -8.19
CA SER A 962 20.31 -1.47 -7.29
C SER A 962 20.06 -2.76 -8.07
N SER A 963 19.08 -2.73 -8.96
CA SER A 963 19.07 -3.60 -10.14
C SER A 963 18.21 -3.01 -11.26
N MET A 964 18.80 -2.96 -12.46
CA MET A 964 18.04 -2.74 -13.70
C MET A 964 17.06 -3.87 -14.00
N ARG A 965 17.33 -5.11 -13.54
CA ARG A 965 16.63 -6.32 -13.97
C ARG A 965 15.74 -7.01 -12.91
N LYS A 966 15.77 -6.63 -11.64
CA LYS A 966 14.76 -7.02 -10.62
C LYS A 966 14.06 -5.79 -10.00
N LYS A 967 12.74 -5.76 -10.03
CA LYS A 967 11.88 -4.74 -9.40
C LYS A 967 10.94 -5.37 -8.38
N PHE A 968 10.45 -4.60 -7.43
CA PHE A 968 9.63 -5.08 -6.32
C PHE A 968 8.29 -4.37 -6.19
N VAL A 969 7.25 -5.09 -5.76
CA VAL A 969 5.92 -4.58 -5.40
C VAL A 969 5.51 -5.17 -4.05
N PHE A 970 4.97 -4.38 -3.13
CA PHE A 970 4.34 -4.91 -1.91
C PHE A 970 2.91 -5.36 -2.21
N ALA A 971 2.50 -6.56 -1.80
CA ALA A 971 1.17 -7.11 -2.07
C ALA A 971 0.56 -7.87 -0.87
N THR A 972 -0.69 -7.58 -0.50
CA THR A 972 -1.50 -8.33 0.48
C THR A 972 -2.76 -8.88 -0.20
N PRO A 973 -3.05 -10.19 -0.21
CA PRO A 973 -4.25 -10.77 -0.84
C PRO A 973 -5.55 -10.41 -0.13
N THR A 974 -6.68 -10.42 -0.85
CA THR A 974 -8.02 -10.22 -0.27
C THR A 974 -8.97 -11.42 -0.36
N LEU A 975 -8.81 -12.31 -1.35
CA LEU A 975 -9.56 -13.59 -1.40
C LEU A 975 -9.22 -14.46 -0.19
N GLY A 976 -10.24 -14.95 0.51
CA GLY A 976 -10.08 -15.68 1.77
C GLY A 976 -9.89 -14.80 3.01
N LEU A 977 -9.89 -13.47 2.89
CA LEU A 977 -9.86 -12.53 4.01
C LEU A 977 -11.15 -11.70 4.08
N THR A 978 -11.38 -10.79 3.13
CA THR A 978 -12.61 -9.97 3.04
C THR A 978 -13.57 -10.41 1.93
N VAL A 979 -13.14 -11.24 0.99
CA VAL A 979 -13.96 -11.76 -0.13
C VAL A 979 -13.89 -13.29 -0.15
N LYS A 980 -15.04 -13.96 -0.24
CA LYS A 980 -15.13 -15.44 -0.27
C LYS A 980 -14.74 -16.00 -1.64
N ARG A 981 -13.90 -17.03 -1.65
CA ARG A 981 -13.48 -17.77 -2.86
C ARG A 981 -14.66 -18.44 -3.57
N THR C 988 25.39 1.38 7.51
CA THR C 988 24.74 0.08 7.48
C THR C 988 24.05 -0.26 8.80
N TYR C 989 22.93 -1.00 8.74
CA TYR C 989 22.25 -1.57 9.92
C TYR C 989 23.05 -2.73 10.52
N GLU C 990 22.89 -2.98 11.82
CA GLU C 990 23.54 -4.12 12.51
C GLU C 990 23.26 -5.48 11.85
N ILE C 991 22.03 -5.75 11.39
CA ILE C 991 21.68 -6.98 10.68
C ILE C 991 22.40 -7.15 9.34
N GLU C 992 22.78 -6.07 8.64
CA GLU C 992 23.59 -6.17 7.41
C GLU C 992 25.00 -6.68 7.73
N ASN C 993 25.58 -6.27 8.85
CA ASN C 993 26.91 -6.69 9.28
C ASN C 993 26.92 -8.17 9.72
N ILE C 994 25.88 -8.65 10.40
CA ILE C 994 25.76 -10.07 10.75
C ILE C 994 25.66 -10.90 9.46
N ARG C 995 24.84 -10.47 8.49
CA ARG C 995 24.67 -11.14 7.20
C ARG C 995 25.96 -11.22 6.38
N ALA C 996 26.70 -10.13 6.25
CA ALA C 996 28.00 -10.13 5.56
C ALA C 996 29.04 -11.01 6.26
N GLY C 997 29.00 -11.11 7.59
CA GLY C 997 29.87 -12.00 8.35
C GLY C 997 29.53 -13.49 8.23
N LEU C 998 28.25 -13.87 8.11
CA LEU C 998 27.88 -15.27 7.86
C LEU C 998 28.19 -15.73 6.44
N GLU C 999 27.98 -14.91 5.41
CA GLU C 999 28.38 -15.28 4.05
C GLU C 999 29.89 -15.48 3.89
N ALA C 1000 30.71 -14.75 4.65
CA ALA C 1000 32.15 -14.98 4.72
C ALA C 1000 32.49 -16.35 5.33
N ILE C 1001 31.85 -16.78 6.42
CA ILE C 1001 32.09 -18.12 7.00
C ILE C 1001 31.72 -19.22 5.99
N ILE C 1002 30.53 -19.16 5.42
CA ILE C 1002 30.00 -20.25 4.59
C ILE C 1002 30.78 -20.38 3.28
N SER C 1003 31.08 -19.27 2.60
CA SER C 1003 31.81 -19.31 1.33
C SER C 1003 33.31 -19.65 1.45
N GLN C 1004 33.88 -19.74 2.64
CA GLN C 1004 35.32 -19.99 2.87
C GLN C 1004 35.66 -21.35 3.51
N LYS C 1005 34.70 -22.23 3.83
CA LYS C 1005 35.00 -23.59 4.31
C LYS C 1005 35.15 -24.63 3.20
N GLN C 1006 35.95 -25.66 3.45
CA GLN C 1006 36.08 -26.87 2.64
C GLN C 1006 36.34 -28.11 3.52
N GLU C 1007 35.82 -29.27 3.12
CA GLU C 1007 36.02 -30.58 3.77
C GLU C 1007 35.54 -30.70 5.24
N GLU C 1008 34.67 -29.79 5.68
CA GLU C 1008 33.80 -29.96 6.85
C GLU C 1008 32.43 -29.33 6.57
N ASP C 1009 31.37 -29.76 7.26
CA ASP C 1009 30.10 -29.05 7.32
C ASP C 1009 30.26 -27.68 8.03
N CYS C 1010 29.52 -26.66 7.62
CA CYS C 1010 29.63 -25.30 8.18
C CYS C 1010 28.70 -24.96 9.38
N VAL C 1011 27.75 -25.83 9.73
CA VAL C 1011 26.66 -25.50 10.68
C VAL C 1011 27.14 -25.01 12.06
N PHE C 1012 28.13 -25.65 12.68
CA PHE C 1012 28.57 -25.23 14.03
C PHE C 1012 29.22 -23.83 14.04
N ASP C 1013 30.00 -23.47 13.04
CA ASP C 1013 30.63 -22.14 12.94
C ASP C 1013 29.61 -21.01 12.73
N VAL C 1014 28.57 -21.24 11.93
CA VAL C 1014 27.43 -20.32 11.78
C VAL C 1014 26.70 -20.13 13.11
N VAL C 1015 26.40 -21.21 13.84
CA VAL C 1015 25.72 -21.11 15.15
C VAL C 1015 26.58 -20.35 16.17
N CYS C 1016 27.87 -20.66 16.29
CA CYS C 1016 28.75 -19.94 17.21
C CYS C 1016 28.89 -18.46 16.87
N ASN C 1017 28.88 -18.10 15.59
CA ASN C 1017 28.83 -16.71 15.16
C ASN C 1017 27.53 -15.99 15.58
N LEU C 1018 26.34 -16.59 15.37
CA LEU C 1018 25.07 -16.00 15.82
C LEU C 1018 24.99 -15.88 17.36
N VAL C 1019 25.43 -16.89 18.10
CA VAL C 1019 25.47 -16.86 19.57
C VAL C 1019 26.41 -15.75 20.07
N ASP C 1020 27.56 -15.51 19.45
CA ASP C 1020 28.40 -14.35 19.76
C ASP C 1020 27.71 -13.02 19.42
N ALA C 1021 27.09 -12.89 18.24
CA ALA C 1021 26.46 -11.64 17.82
C ALA C 1021 25.18 -11.28 18.60
N MET C 1022 24.38 -12.25 19.07
CA MET C 1022 23.04 -12.01 19.63
C MET C 1022 22.79 -12.61 21.04
N GLY C 1023 23.61 -13.54 21.51
CA GLY C 1023 23.39 -14.24 22.79
C GLY C 1023 22.00 -14.87 22.90
N GLU C 1024 21.31 -14.57 24.00
CA GLU C 1024 19.98 -15.05 24.37
C GLU C 1024 18.91 -14.90 23.27
N ALA C 1025 18.96 -13.86 22.43
CA ALA C 1025 17.93 -13.63 21.41
C ALA C 1025 17.87 -14.75 20.35
N CYS C 1026 18.92 -15.56 20.21
CA CYS C 1026 18.92 -16.76 19.40
C CYS C 1026 17.84 -17.78 19.82
N ALA C 1027 17.51 -17.87 21.11
CA ALA C 1027 16.56 -18.83 21.64
C ALA C 1027 15.17 -18.76 20.97
N SER C 1028 14.81 -17.58 20.44
CA SER C 1028 13.53 -17.31 19.78
C SER C 1028 13.69 -16.81 18.34
N LEU C 1029 14.84 -17.00 17.70
CA LEU C 1029 15.06 -16.59 16.31
C LEU C 1029 14.06 -17.29 15.38
N THR C 1030 13.33 -16.53 14.56
CA THR C 1030 12.32 -17.06 13.63
C THR C 1030 12.93 -17.53 12.32
N ARG C 1031 12.23 -18.39 11.57
CA ARG C 1031 12.72 -18.86 10.27
C ARG C 1031 12.87 -17.74 9.25
N ASP C 1032 11.94 -16.80 9.19
CA ASP C 1032 12.03 -15.64 8.30
C ASP C 1032 13.28 -14.76 8.59
N ASP C 1033 13.63 -14.56 9.86
CA ASP C 1033 14.87 -13.87 10.24
C ASP C 1033 16.12 -14.71 9.95
N ALA C 1034 16.13 -16.01 10.25
CA ALA C 1034 17.24 -16.89 9.88
C ALA C 1034 17.50 -16.92 8.37
N GLU C 1035 16.44 -17.01 7.56
CA GLU C 1035 16.55 -16.97 6.09
C GLU C 1035 17.13 -15.64 5.59
N TYR C 1036 16.76 -14.50 6.18
CA TYR C 1036 17.37 -13.21 5.83
C TYR C 1036 18.88 -13.17 6.13
N LEU C 1037 19.30 -13.63 7.30
CA LEU C 1037 20.70 -13.53 7.76
C LEU C 1037 21.65 -14.45 6.98
N LEU C 1038 21.16 -15.57 6.43
CA LEU C 1038 21.97 -16.50 5.63
C LEU C 1038 22.17 -16.06 4.17
N GLY C 1039 21.46 -15.04 3.69
CA GLY C 1039 21.66 -14.44 2.38
C GLY C 1039 21.49 -15.43 1.23
N ARG C 1040 22.52 -15.65 0.40
CA ARG C 1040 22.47 -16.64 -0.70
C ARG C 1040 22.48 -18.11 -0.27
N PHE C 1041 22.63 -18.40 1.03
CA PHE C 1041 22.65 -19.76 1.60
C PHE C 1041 21.44 -20.05 2.49
N SER C 1042 20.30 -19.39 2.28
CA SER C 1042 19.08 -19.50 3.11
C SER C 1042 18.51 -20.91 3.24
N VAL C 1043 18.88 -21.84 2.36
CA VAL C 1043 18.56 -23.27 2.46
C VAL C 1043 19.09 -23.93 3.75
N LEU C 1044 20.11 -23.37 4.39
CA LEU C 1044 20.70 -23.86 5.66
C LEU C 1044 19.82 -23.59 6.90
N ALA C 1045 18.75 -22.79 6.77
CA ALA C 1045 17.95 -22.27 7.89
C ALA C 1045 17.27 -23.38 8.73
N ASP C 1046 16.82 -24.48 8.13
CA ASP C 1046 16.23 -25.59 8.89
C ASP C 1046 17.25 -26.25 9.83
N SER C 1047 18.50 -26.40 9.40
CA SER C 1047 19.58 -26.98 10.20
C SER C 1047 20.08 -26.07 11.34
N VAL C 1048 20.11 -24.75 11.11
CA VAL C 1048 20.46 -23.76 12.15
C VAL C 1048 19.43 -23.71 13.28
N LEU C 1049 18.14 -23.61 12.95
CA LEU C 1049 17.08 -23.52 13.97
C LEU C 1049 16.98 -24.76 14.86
N GLU C 1050 17.21 -25.95 14.32
CA GLU C 1050 17.27 -27.18 15.13
C GLU C 1050 18.45 -27.16 16.11
N THR C 1051 19.62 -26.73 15.65
CA THR C 1051 20.81 -26.68 16.52
C THR C 1051 20.60 -25.68 17.66
N LEU C 1052 19.95 -24.55 17.41
CA LEU C 1052 19.57 -23.57 18.42
C LEU C 1052 18.54 -24.12 19.42
N ALA C 1053 17.58 -24.91 18.98
CA ALA C 1053 16.67 -25.63 19.87
C ALA C 1053 17.38 -26.65 20.77
N THR C 1054 18.44 -27.34 20.32
CA THR C 1054 19.21 -28.24 21.19
C THR C 1054 20.02 -27.50 22.25
N ILE C 1055 20.49 -26.28 21.96
CA ILE C 1055 21.15 -25.42 22.96
C ILE C 1055 20.11 -24.92 23.98
N ALA C 1056 18.98 -24.38 23.53
CA ALA C 1056 17.94 -23.84 24.41
C ALA C 1056 17.35 -24.90 25.36
N SER C 1057 17.19 -26.15 24.89
CA SER C 1057 16.68 -27.28 25.67
C SER C 1057 17.75 -28.06 26.45
N SER C 1058 18.96 -27.51 26.66
CA SER C 1058 20.03 -28.18 27.41
C SER C 1058 20.81 -27.32 28.42
N GLY C 1059 20.53 -26.01 28.51
CA GLY C 1059 20.71 -25.23 29.74
C GLY C 1059 22.01 -24.44 29.92
N ILE C 1060 22.97 -24.51 29.00
CA ILE C 1060 24.16 -23.65 29.03
C ILE C 1060 23.80 -22.16 28.90
N GLU C 1061 24.63 -21.26 29.43
CA GLU C 1061 24.52 -19.84 29.11
C GLU C 1061 24.88 -19.58 27.63
N TRP C 1062 24.31 -18.53 27.04
CA TRP C 1062 24.50 -18.17 25.65
C TRP C 1062 25.82 -17.42 25.39
N THR C 1063 26.94 -18.14 25.34
CA THR C 1063 28.23 -17.65 24.82
C THR C 1063 28.87 -18.65 23.84
N ALA C 1064 29.75 -18.16 22.97
CA ALA C 1064 30.38 -18.99 21.94
C ALA C 1064 31.33 -20.06 22.50
N GLU C 1065 31.87 -19.90 23.71
CA GLU C 1065 32.65 -20.95 24.38
C GLU C 1065 31.76 -22.11 24.82
N ALA C 1066 30.70 -21.83 25.58
CA ALA C 1066 29.81 -22.86 26.10
C ALA C 1066 29.08 -23.61 24.97
N ALA C 1067 28.71 -22.91 23.90
CA ALA C 1067 28.12 -23.50 22.72
C ALA C 1067 29.09 -24.48 22.00
N ARG C 1068 30.38 -24.15 21.81
CA ARG C 1068 31.34 -25.12 21.23
C ARG C 1068 31.57 -26.33 22.13
N ASP C 1069 31.69 -26.15 23.44
CA ASP C 1069 31.83 -27.28 24.38
C ASP C 1069 30.65 -28.26 24.32
N PHE C 1070 29.43 -27.76 24.12
CA PHE C 1070 28.24 -28.58 23.99
C PHE C 1070 28.13 -29.25 22.61
N LEU C 1071 28.21 -28.49 21.52
CA LEU C 1071 28.05 -29.00 20.17
C LEU C 1071 29.18 -29.97 19.78
N GLU C 1072 30.43 -29.53 19.92
CA GLU C 1072 31.60 -30.32 19.55
C GLU C 1072 31.86 -31.46 20.55
N GLY C 1073 31.13 -31.50 21.67
CA GLY C 1073 31.17 -32.59 22.67
C GLY C 1073 30.07 -33.64 22.55
N VAL C 1074 28.85 -33.29 22.08
CA VAL C 1074 27.70 -34.21 22.04
C VAL C 1074 27.74 -35.25 20.90
N TRP C 1075 28.50 -35.02 19.82
CA TRP C 1075 28.82 -36.09 18.87
C TRP C 1075 29.78 -37.14 19.45
N GLY C 1076 30.59 -36.75 20.45
CA GLY C 1076 31.58 -37.62 21.09
C GLY C 1076 32.52 -36.86 22.00
N GLN C 1082 29.05 -43.99 10.92
CA GLN C 1082 29.22 -42.72 10.22
C GLN C 1082 29.24 -42.92 8.69
N ASP C 1083 28.99 -41.88 7.89
CA ASP C 1083 28.68 -41.98 6.45
C ASP C 1083 29.71 -42.78 5.62
N ASN C 1084 29.23 -43.76 4.83
CA ASN C 1084 30.04 -44.46 3.82
C ASN C 1084 29.78 -43.87 2.43
N PHE C 1085 30.83 -43.47 1.75
CA PHE C 1085 30.83 -42.62 0.54
C PHE C 1085 31.22 -43.39 -0.73
N ILE C 1086 30.47 -43.22 -1.82
CA ILE C 1086 30.79 -43.78 -3.14
C ILE C 1086 31.24 -42.66 -4.09
N SER C 1087 32.26 -42.94 -4.92
CA SER C 1087 32.66 -42.07 -6.03
C SER C 1087 31.72 -42.25 -7.23
N VAL C 1088 31.28 -41.15 -7.84
CA VAL C 1088 30.48 -41.10 -9.07
C VAL C 1088 31.23 -40.31 -10.12
N ALA C 1089 31.57 -40.93 -11.24
CA ALA C 1089 32.33 -40.33 -12.34
C ALA C 1089 31.55 -39.22 -13.09
N GLU C 1090 32.13 -38.65 -14.16
CA GLU C 1090 31.44 -37.71 -15.06
C GLU C 1090 31.53 -38.20 -16.53
N PRO C 1091 30.45 -38.18 -17.31
CA PRO C 1091 30.44 -38.73 -18.67
C PRO C 1091 31.24 -37.87 -19.64
ZN ZN D . 6.32 10.92 26.90
#